data_3LS2
#
_entry.id   3LS2
#
_cell.length_a   49.49
_cell.length_b   129.75
_cell.length_c   152.67
_cell.angle_alpha   90.00
_cell.angle_beta   90.00
_cell.angle_gamma   90.00
#
_symmetry.space_group_name_H-M   'P 21 21 21'
#
loop_
_entity.id
_entity.type
_entity.pdbx_description
1 polymer 'S-formylglutathione Hydrolase'
2 non-polymer 'CHLORIDE ION'
3 water water
#
_entity_poly.entity_id   1
_entity_poly.type   'polypeptide(L)'
_entity_poly.pdbx_seq_one_letter_code
;MLENISSVKVSGGWHKQYTHSAVSTHCTMRFAVFLPPGASESNKVPVLYWLSGLTCTDENFMQKAGAFKKAAELGIAIVA
PDTSPRGDNVPNEDSYDFAQGAGFYVNATQAPYNTHFNMYDYVVNELPALIEQHFPVTSTKAISGHSMGGHGALMIALKN
PQDYVSASAFSPIVNPINCPWGVKAFTGYLGADKTTWAQYDSCKLMAKAEQSNYLPMLVSQGDADNFLDEQLKPQNLVAV
AKQKDYPLTLEMQTGYDHSYFFISSFIDQHLVFHHQYLSA
;
_entity_poly.pdbx_strand_id   A,B,C,D
#
loop_
_chem_comp.id
_chem_comp.type
_chem_comp.name
_chem_comp.formula
CL non-polymer 'CHLORIDE ION' 'Cl -1'
#
# COMPACT_ATOMS: atom_id res chain seq x y z
N LEU A 2 -12.00 24.80 -14.77
CA LEU A 2 -10.92 24.27 -13.89
C LEU A 2 -9.59 24.23 -14.64
N GLU A 3 -8.58 24.88 -14.09
CA GLU A 3 -7.27 24.92 -14.72
C GLU A 3 -6.14 24.49 -13.77
N ASN A 4 -5.39 23.47 -14.20
CA ASN A 4 -4.27 22.95 -13.42
C ASN A 4 -3.09 23.91 -13.59
N ILE A 5 -2.53 24.40 -12.49
CA ILE A 5 -1.41 25.34 -12.58
C ILE A 5 -0.07 24.78 -12.12
N SER A 6 -0.10 23.64 -11.43
CA SER A 6 1.14 23.02 -10.96
C SER A 6 0.92 21.53 -10.70
N SER A 7 1.96 20.75 -10.89
CA SER A 7 1.88 19.31 -10.68
C SER A 7 3.24 18.77 -10.27
N VAL A 8 3.25 17.97 -9.22
CA VAL A 8 4.49 17.39 -8.72
C VAL A 8 4.22 16.02 -8.11
N LYS A 9 5.19 15.13 -8.21
CA LYS A 9 5.04 13.79 -7.65
C LYS A 9 5.58 13.77 -6.23
N VAL A 10 4.88 13.07 -5.35
CA VAL A 10 5.30 12.94 -3.95
C VAL A 10 4.75 11.68 -3.32
N SER A 11 5.64 10.88 -2.73
CA SER A 11 5.25 9.62 -2.09
C SER A 11 4.43 8.73 -3.00
N GLY A 12 4.82 8.65 -4.27
CA GLY A 12 4.11 7.80 -5.21
C GLY A 12 2.82 8.37 -5.78
N GLY A 13 2.27 9.36 -5.09
CA GLY A 13 1.04 9.97 -5.58
C GLY A 13 1.35 11.27 -6.28
N TRP A 14 0.34 12.10 -6.47
CA TRP A 14 0.53 13.38 -7.14
C TRP A 14 -0.10 14.56 -6.41
N HIS A 15 0.66 15.64 -6.33
CA HIS A 15 0.20 16.86 -5.70
C HIS A 15 -0.03 17.85 -6.82
N LYS A 16 -1.24 18.42 -6.88
CA LYS A 16 -1.55 19.35 -7.94
C LYS A 16 -2.38 20.53 -7.46
N GLN A 17 -2.10 21.69 -8.04
CA GLN A 17 -2.82 22.91 -7.69
C GLN A 17 -3.69 23.32 -8.88
N TYR A 18 -4.89 23.81 -8.57
CA TYR A 18 -5.80 24.27 -9.61
C TYR A 18 -6.46 25.58 -9.23
N THR A 19 -6.99 26.26 -10.23
CA THR A 19 -7.71 27.51 -10.04
C THR A 19 -9.01 27.32 -10.81
N HIS A 20 -10.02 28.10 -10.45
CA HIS A 20 -11.29 28.03 -11.14
C HIS A 20 -12.11 29.24 -10.74
N SER A 21 -13.14 29.54 -11.52
CA SER A 21 -14.02 30.66 -11.22
C SER A 21 -15.07 30.13 -10.28
N ALA A 22 -14.93 30.47 -9.00
CA ALA A 22 -15.87 30.01 -7.99
C ALA A 22 -17.13 30.87 -8.00
N VAL A 23 -18.28 30.20 -7.97
CA VAL A 23 -19.55 30.91 -7.97
C VAL A 23 -19.85 31.48 -6.58
N SER A 24 -19.69 30.64 -5.56
CA SER A 24 -19.97 31.04 -4.19
C SER A 24 -19.18 32.26 -3.73
N THR A 25 -17.90 32.32 -4.09
CA THR A 25 -17.05 33.43 -3.70
C THR A 25 -16.93 34.51 -4.75
N HIS A 26 -17.56 34.29 -5.91
CA HIS A 26 -17.53 35.26 -6.98
C HIS A 26 -16.11 35.74 -7.28
N CYS A 27 -15.18 34.81 -7.39
CA CYS A 27 -13.80 35.17 -7.69
C CYS A 27 -13.04 33.91 -8.08
N THR A 28 -11.82 34.08 -8.57
CA THR A 28 -11.01 32.93 -8.94
C THR A 28 -10.46 32.39 -7.63
N MET A 29 -10.47 31.06 -7.49
CA MET A 29 -9.99 30.43 -6.27
C MET A 29 -8.93 29.37 -6.61
N ARG A 30 -7.96 29.22 -5.72
CA ARG A 30 -6.91 28.23 -5.91
C ARG A 30 -7.00 27.19 -4.79
N PHE A 31 -6.86 25.92 -5.17
CA PHE A 31 -6.89 24.83 -4.20
C PHE A 31 -5.87 23.78 -4.65
N ALA A 32 -5.51 22.89 -3.74
CA ALA A 32 -4.54 21.84 -4.03
C ALA A 32 -5.15 20.49 -3.76
N VAL A 33 -4.67 19.47 -4.46
CA VAL A 33 -5.19 18.13 -4.27
C VAL A 33 -4.09 17.09 -4.34
N PHE A 34 -4.14 16.15 -3.41
CA PHE A 34 -3.19 15.07 -3.40
C PHE A 34 -3.95 13.78 -3.68
N LEU A 35 -3.55 13.09 -4.75
CA LEU A 35 -4.17 11.82 -5.11
C LEU A 35 -3.12 10.77 -4.76
N PRO A 36 -3.48 9.81 -3.91
CA PRO A 36 -2.51 8.77 -3.54
C PRO A 36 -2.21 7.87 -4.74
N PRO A 37 -1.15 7.05 -4.64
CA PRO A 37 -0.79 6.15 -5.73
C PRO A 37 -1.90 5.15 -6.02
N GLY A 38 -2.26 5.00 -7.29
CA GLY A 38 -3.30 4.05 -7.64
C GLY A 38 -4.67 4.66 -7.91
N ALA A 39 -4.88 5.90 -7.51
CA ALA A 39 -6.16 6.56 -7.73
C ALA A 39 -6.44 6.71 -9.22
N SER A 40 -7.63 6.28 -9.65
CA SER A 40 -8.02 6.36 -11.06
C SER A 40 -9.52 6.22 -11.20
N GLU A 41 -10.03 6.48 -12.42
CA GLU A 41 -11.45 6.37 -12.71
C GLU A 41 -11.97 4.99 -12.34
N SER A 42 -11.13 3.98 -12.52
CA SER A 42 -11.50 2.61 -12.20
C SER A 42 -11.12 2.23 -10.77
N ASN A 43 -10.50 3.16 -10.06
CA ASN A 43 -10.09 2.93 -8.68
C ASN A 43 -10.12 4.25 -7.91
N LYS A 44 -11.34 4.67 -7.54
CA LYS A 44 -11.54 5.92 -6.82
C LYS A 44 -11.27 5.82 -5.32
N VAL A 45 -10.86 6.93 -4.72
CA VAL A 45 -10.51 6.95 -3.30
C VAL A 45 -11.24 8.01 -2.48
N PRO A 46 -11.42 7.76 -1.17
CA PRO A 46 -12.10 8.69 -0.27
C PRO A 46 -11.29 9.98 -0.12
N VAL A 47 -11.93 11.04 0.37
CA VAL A 47 -11.24 12.31 0.51
C VAL A 47 -11.27 12.92 1.91
N LEU A 48 -10.15 13.52 2.30
CA LEU A 48 -10.04 14.22 3.57
C LEU A 48 -9.87 15.70 3.23
N TYR A 49 -10.81 16.53 3.64
CA TYR A 49 -10.69 17.95 3.36
C TYR A 49 -9.91 18.57 4.50
N TRP A 50 -8.96 19.43 4.16
CA TRP A 50 -8.15 20.09 5.17
C TRP A 50 -8.33 21.59 5.10
N LEU A 51 -8.83 22.18 6.18
CA LEU A 51 -9.06 23.60 6.25
C LEU A 51 -7.92 24.30 6.99
N SER A 52 -7.30 25.27 6.34
CA SER A 52 -6.18 25.99 6.95
C SER A 52 -6.59 27.20 7.80
N GLY A 53 -5.63 27.70 8.58
CA GLY A 53 -5.88 28.83 9.44
C GLY A 53 -5.57 30.21 8.86
N LEU A 54 -5.58 31.20 9.74
CA LEU A 54 -5.31 32.58 9.34
C LEU A 54 -4.02 32.76 8.57
N THR A 55 -4.11 33.59 7.53
CA THR A 55 -2.99 33.94 6.65
C THR A 55 -2.52 32.84 5.70
N CYS A 56 -3.02 31.62 5.90
CA CYS A 56 -2.61 30.49 5.07
C CYS A 56 -3.35 30.41 3.74
N THR A 57 -2.81 29.57 2.86
CA THR A 57 -3.43 29.28 1.56
C THR A 57 -3.41 27.75 1.56
N ASP A 58 -3.36 27.14 0.38
CA ASP A 58 -3.35 25.68 0.29
C ASP A 58 -1.95 25.11 0.48
N GLU A 59 -0.94 25.90 0.15
CA GLU A 59 0.47 25.48 0.19
C GLU A 59 1.09 25.16 1.54
N ASN A 60 0.73 25.92 2.58
CA ASN A 60 1.31 25.70 3.90
C ASN A 60 1.22 24.23 4.32
N PHE A 61 0.00 23.69 4.32
CA PHE A 61 -0.22 22.31 4.71
C PHE A 61 0.47 21.29 3.80
N MET A 62 0.34 21.49 2.49
CA MET A 62 0.95 20.57 1.53
C MET A 62 2.47 20.54 1.63
N GLN A 63 3.06 21.69 1.90
CA GLN A 63 4.52 21.79 2.02
C GLN A 63 5.09 21.48 3.39
N LYS A 64 4.36 21.82 4.45
CA LYS A 64 4.87 21.63 5.81
C LYS A 64 4.28 20.53 6.68
N ALA A 65 3.11 20.03 6.34
CA ALA A 65 2.48 19.01 7.16
C ALA A 65 3.10 17.61 7.02
N GLY A 66 3.64 17.30 5.84
CA GLY A 66 4.23 15.99 5.62
C GLY A 66 3.19 14.90 5.77
N ALA A 67 2.05 15.09 5.12
CA ALA A 67 0.95 14.14 5.22
C ALA A 67 0.94 13.10 4.09
N PHE A 68 1.73 13.32 3.07
CA PHE A 68 1.75 12.41 1.93
C PHE A 68 2.16 10.94 2.17
N LYS A 69 3.20 10.69 2.96
CA LYS A 69 3.62 9.30 3.20
C LYS A 69 2.47 8.43 3.70
N LYS A 70 1.86 8.85 4.79
CA LYS A 70 0.77 8.08 5.37
C LYS A 70 -0.51 8.09 4.53
N ALA A 71 -0.80 9.22 3.89
CA ALA A 71 -2.00 9.32 3.06
C ALA A 71 -1.89 8.40 1.85
N ALA A 72 -0.70 8.35 1.26
CA ALA A 72 -0.45 7.50 0.11
C ALA A 72 -0.57 6.04 0.56
N GLU A 73 -0.06 5.76 1.75
CA GLU A 73 -0.11 4.42 2.31
C GLU A 73 -1.54 3.96 2.58
N LEU A 74 -2.38 4.86 3.09
CA LEU A 74 -3.77 4.52 3.40
C LEU A 74 -4.75 4.70 2.24
N GLY A 75 -4.27 5.25 1.14
CA GLY A 75 -5.13 5.46 -0.02
C GLY A 75 -6.11 6.59 0.20
N ILE A 76 -5.62 7.69 0.77
CA ILE A 76 -6.46 8.85 1.05
C ILE A 76 -6.09 10.06 0.20
N ALA A 77 -7.11 10.66 -0.42
CA ALA A 77 -6.89 11.85 -1.23
C ALA A 77 -7.10 13.04 -0.30
N ILE A 78 -6.30 14.10 -0.49
CA ILE A 78 -6.42 15.28 0.36
C ILE A 78 -6.70 16.52 -0.46
N VAL A 79 -7.72 17.26 -0.04
CA VAL A 79 -8.10 18.50 -0.72
C VAL A 79 -7.90 19.65 0.24
N ALA A 80 -7.09 20.62 -0.16
CA ALA A 80 -6.82 21.78 0.68
C ALA A 80 -7.21 23.07 -0.02
N PRO A 81 -8.39 23.62 0.30
CA PRO A 81 -8.84 24.86 -0.32
C PRO A 81 -8.15 26.07 0.31
N ASP A 82 -8.40 27.25 -0.26
CA ASP A 82 -7.83 28.47 0.27
C ASP A 82 -8.58 28.83 1.55
N THR A 83 -8.22 29.95 2.17
CA THR A 83 -8.85 30.36 3.41
C THR A 83 -9.82 31.52 3.26
N SER A 84 -10.01 31.98 2.03
CA SER A 84 -10.92 33.09 1.76
C SER A 84 -10.89 33.43 0.27
N PRO A 85 -11.76 34.37 -0.16
CA PRO A 85 -11.77 34.76 -1.57
C PRO A 85 -10.51 35.59 -1.81
N ARG A 86 -10.07 35.72 -3.06
CA ARG A 86 -8.87 36.49 -3.37
C ARG A 86 -9.06 37.40 -4.57
N GLY A 87 -8.28 38.48 -4.61
CA GLY A 87 -8.35 39.43 -5.73
C GLY A 87 -8.43 40.88 -5.29
N ASP A 88 -7.91 41.78 -6.13
CA ASP A 88 -7.93 43.21 -5.78
C ASP A 88 -9.35 43.79 -5.76
N ASN A 89 -10.32 43.05 -6.29
CA ASN A 89 -11.70 43.50 -6.31
C ASN A 89 -12.46 42.93 -5.12
N VAL A 90 -11.75 42.19 -4.27
CA VAL A 90 -12.33 41.59 -3.08
C VAL A 90 -11.91 42.45 -1.89
N PRO A 91 -12.85 42.75 -0.98
CA PRO A 91 -12.52 43.58 0.18
C PRO A 91 -11.33 43.02 0.95
N ASN A 92 -10.52 43.91 1.51
CA ASN A 92 -9.38 43.46 2.28
C ASN A 92 -8.84 44.61 3.13
N GLU A 93 -8.00 44.26 4.09
CA GLU A 93 -7.36 45.22 4.97
C GLU A 93 -6.12 44.53 5.50
N ASP A 94 -5.20 45.30 6.05
CA ASP A 94 -3.95 44.76 6.55
C ASP A 94 -4.08 43.72 7.66
N SER A 95 -5.07 43.88 8.53
CA SER A 95 -5.28 42.94 9.63
C SER A 95 -5.10 41.49 9.19
N TYR A 96 -4.25 40.75 9.89
CA TYR A 96 -4.01 39.35 9.56
C TYR A 96 -5.18 38.47 9.99
N ASP A 97 -5.96 38.95 10.95
CA ASP A 97 -7.09 38.22 11.48
C ASP A 97 -8.46 38.55 10.88
N PHE A 98 -8.48 39.26 9.76
CA PHE A 98 -9.76 39.61 9.15
C PHE A 98 -9.61 39.81 7.63
N ALA A 99 -10.73 39.68 6.91
CA ALA A 99 -10.76 39.82 5.47
C ALA A 99 -9.98 38.68 4.81
N GLN A 100 -9.24 38.98 3.74
CA GLN A 100 -8.50 37.94 3.04
C GLN A 100 -7.54 37.13 3.91
N GLY A 101 -7.53 35.83 3.69
CA GLY A 101 -6.70 34.94 4.47
C GLY A 101 -7.34 34.68 5.83
N ALA A 102 -8.57 35.16 5.99
CA ALA A 102 -9.29 35.02 7.25
C ALA A 102 -10.80 35.00 7.07
N GLY A 103 -11.30 34.09 6.23
CA GLY A 103 -12.73 34.03 5.98
C GLY A 103 -13.57 33.37 7.06
N PHE A 104 -12.91 32.71 8.01
CA PHE A 104 -13.58 32.01 9.10
C PHE A 104 -14.67 31.02 8.71
N TYR A 105 -14.62 30.56 7.46
CA TYR A 105 -15.57 29.59 6.93
C TYR A 105 -17.04 29.86 7.22
N VAL A 106 -17.45 31.10 7.04
CA VAL A 106 -18.85 31.47 7.26
C VAL A 106 -19.38 32.10 5.96
N ASN A 107 -20.67 32.41 5.93
CA ASN A 107 -21.27 33.08 4.79
C ASN A 107 -21.58 34.48 5.31
N ALA A 108 -20.81 35.46 4.87
CA ALA A 108 -21.00 36.83 5.33
C ALA A 108 -22.37 37.41 4.91
N THR A 109 -22.99 38.12 5.83
CA THR A 109 -24.30 38.73 5.60
C THR A 109 -24.18 40.25 5.51
N GLN A 110 -23.04 40.78 5.97
CA GLN A 110 -22.83 42.23 5.95
C GLN A 110 -22.04 42.71 4.75
N ALA A 111 -22.56 43.73 4.07
CA ALA A 111 -21.87 44.29 2.91
C ALA A 111 -20.60 44.99 3.40
N PRO A 112 -19.55 45.03 2.56
CA PRO A 112 -19.48 44.47 1.21
C PRO A 112 -19.00 43.02 1.20
N TYR A 113 -18.74 42.48 2.38
CA TYR A 113 -18.23 41.11 2.53
C TYR A 113 -19.14 40.00 2.04
N ASN A 114 -20.45 40.21 2.10
CA ASN A 114 -21.40 39.18 1.67
C ASN A 114 -21.25 38.77 0.21
N THR A 115 -20.54 39.56 -0.58
CA THR A 115 -20.35 39.23 -1.98
C THR A 115 -19.35 38.10 -2.23
N HIS A 116 -18.17 38.20 -1.63
CA HIS A 116 -17.12 37.19 -1.82
C HIS A 116 -16.86 36.27 -0.64
N PHE A 117 -17.14 36.73 0.57
CA PHE A 117 -16.88 35.92 1.75
C PHE A 117 -17.95 34.89 2.08
N ASN A 118 -17.97 33.83 1.28
CA ASN A 118 -18.92 32.74 1.44
C ASN A 118 -18.14 31.43 1.44
N MET A 119 -17.12 31.38 2.30
CA MET A 119 -16.26 30.21 2.42
C MET A 119 -17.04 28.99 2.94
N TYR A 120 -18.10 29.22 3.69
CA TYR A 120 -18.90 28.09 4.18
C TYR A 120 -19.47 27.41 2.94
N ASP A 121 -20.17 28.20 2.13
CA ASP A 121 -20.78 27.69 0.91
C ASP A 121 -19.71 27.07 0.01
N TYR A 122 -18.57 27.73 -0.08
CA TYR A 122 -17.48 27.25 -0.90
C TYR A 122 -16.99 25.87 -0.50
N VAL A 123 -16.54 25.75 0.74
CA VAL A 123 -16.01 24.49 1.26
C VAL A 123 -17.05 23.39 1.41
N VAL A 124 -18.27 23.76 1.81
CA VAL A 124 -19.31 22.76 2.03
C VAL A 124 -20.07 22.29 0.79
N ASN A 125 -20.42 23.21 -0.09
CA ASN A 125 -21.19 22.82 -1.26
C ASN A 125 -20.51 22.85 -2.62
N GLU A 126 -19.91 23.98 -2.98
CA GLU A 126 -19.28 24.09 -4.29
C GLU A 126 -18.03 23.21 -4.49
N LEU A 127 -17.05 23.34 -3.61
CA LEU A 127 -15.82 22.57 -3.73
C LEU A 127 -16.00 21.06 -3.83
N PRO A 128 -16.74 20.45 -2.89
CA PRO A 128 -16.93 19.00 -2.95
C PRO A 128 -17.54 18.56 -4.29
N ALA A 129 -18.51 19.33 -4.78
CA ALA A 129 -19.15 19.01 -6.05
C ALA A 129 -18.13 19.06 -7.18
N LEU A 130 -17.27 20.06 -7.15
CA LEU A 130 -16.23 20.22 -8.17
C LEU A 130 -15.22 19.09 -8.10
N ILE A 131 -14.75 18.79 -6.90
CA ILE A 131 -13.77 17.70 -6.70
C ILE A 131 -14.29 16.38 -7.24
N GLU A 132 -15.43 15.94 -6.72
CA GLU A 132 -16.04 14.68 -7.15
C GLU A 132 -16.37 14.63 -8.64
N GLN A 133 -16.37 15.79 -9.28
CA GLN A 133 -16.69 15.85 -10.71
C GLN A 133 -15.47 15.70 -11.60
N HIS A 134 -14.33 16.23 -11.17
CA HIS A 134 -13.12 16.19 -11.98
C HIS A 134 -12.01 15.25 -11.50
N PHE A 135 -12.17 14.66 -10.32
CA PHE A 135 -11.14 13.78 -9.79
C PHE A 135 -11.59 12.36 -9.47
N PRO A 136 -10.66 11.40 -9.47
CA PRO A 136 -10.92 9.99 -9.18
C PRO A 136 -11.20 9.75 -7.70
N VAL A 137 -12.19 10.48 -7.17
CA VAL A 137 -12.54 10.36 -5.77
C VAL A 137 -13.98 9.87 -5.61
N THR A 138 -14.27 9.31 -4.45
CA THR A 138 -15.61 8.82 -4.17
C THR A 138 -16.39 9.94 -3.48
N SER A 139 -17.53 9.58 -2.90
CA SER A 139 -18.35 10.56 -2.21
C SER A 139 -18.05 10.53 -0.70
N THR A 140 -17.36 9.49 -0.26
CA THR A 140 -17.01 9.34 1.15
C THR A 140 -15.94 10.36 1.52
N LYS A 141 -16.20 11.14 2.56
CA LYS A 141 -15.25 12.16 2.97
C LYS A 141 -15.24 12.45 4.46
N ALA A 142 -14.14 13.01 4.91
CA ALA A 142 -13.91 13.39 6.30
C ALA A 142 -13.34 14.80 6.24
N ILE A 143 -13.25 15.47 7.38
CA ILE A 143 -12.74 16.84 7.38
C ILE A 143 -11.93 17.17 8.62
N SER A 144 -10.85 17.92 8.43
CA SER A 144 -9.96 18.32 9.51
C SER A 144 -9.45 19.72 9.23
N GLY A 145 -8.65 20.25 10.13
CA GLY A 145 -8.13 21.59 9.94
C GLY A 145 -7.30 22.08 11.10
N HIS A 146 -6.76 23.29 10.98
CA HIS A 146 -5.94 23.87 12.02
C HIS A 146 -6.39 25.27 12.39
N SER A 147 -6.55 25.51 13.69
CA SER A 147 -6.95 26.80 14.23
C SER A 147 -8.27 27.30 13.64
N MET A 148 -8.21 28.35 12.83
CA MET A 148 -9.44 28.87 12.20
C MET A 148 -10.02 27.75 11.36
N GLY A 149 -9.13 26.90 10.83
CA GLY A 149 -9.57 25.78 10.03
C GLY A 149 -10.08 24.65 10.92
N GLY A 150 -9.63 24.63 12.16
CA GLY A 150 -10.08 23.62 13.10
C GLY A 150 -11.51 23.96 13.44
N HIS A 151 -11.74 25.26 13.64
CA HIS A 151 -13.07 25.77 13.91
C HIS A 151 -13.94 25.36 12.72
N GLY A 152 -13.44 25.60 11.52
CA GLY A 152 -14.19 25.26 10.33
C GLY A 152 -14.54 23.79 10.21
N ALA A 153 -13.57 22.93 10.48
CA ALA A 153 -13.77 21.48 10.41
C ALA A 153 -14.85 20.96 11.34
N LEU A 154 -14.71 21.23 12.63
CA LEU A 154 -15.69 20.75 13.59
C LEU A 154 -17.07 21.36 13.32
N MET A 155 -17.08 22.65 12.99
CA MET A 155 -18.34 23.35 12.72
C MET A 155 -19.05 22.78 11.48
N ILE A 156 -18.30 22.58 10.41
CA ILE A 156 -18.87 22.03 9.18
C ILE A 156 -19.39 20.60 9.40
N ALA A 157 -18.64 19.79 10.14
CA ALA A 157 -19.06 18.42 10.42
C ALA A 157 -20.35 18.41 11.25
N LEU A 158 -20.39 19.22 12.30
CA LEU A 158 -21.58 19.28 13.15
C LEU A 158 -22.81 19.75 12.38
N LYS A 159 -22.60 20.67 11.44
CA LYS A 159 -23.71 21.20 10.63
C LYS A 159 -24.17 20.25 9.53
N ASN A 160 -23.31 19.30 9.16
CA ASN A 160 -23.64 18.32 8.12
C ASN A 160 -23.21 16.92 8.60
N PRO A 161 -23.79 16.46 9.73
CA PRO A 161 -23.51 15.16 10.35
C PRO A 161 -23.57 13.95 9.44
N GLN A 162 -24.48 13.96 8.47
CA GLN A 162 -24.63 12.82 7.57
C GLN A 162 -23.74 12.84 6.33
N ASP A 163 -23.05 13.95 6.10
CA ASP A 163 -22.19 14.04 4.91
C ASP A 163 -20.71 13.80 5.16
N TYR A 164 -20.30 13.74 6.42
CA TYR A 164 -18.89 13.48 6.76
C TYR A 164 -18.84 12.31 7.72
N VAL A 165 -17.92 11.37 7.49
CA VAL A 165 -17.85 10.21 8.37
C VAL A 165 -17.15 10.48 9.70
N SER A 166 -16.27 11.48 9.72
CA SER A 166 -15.55 11.83 10.94
C SER A 166 -14.91 13.21 10.82
N ALA A 167 -14.52 13.79 11.95
CA ALA A 167 -13.89 15.11 11.94
C ALA A 167 -12.80 15.22 13.00
N SER A 168 -11.78 16.03 12.73
CA SER A 168 -10.69 16.23 13.67
C SER A 168 -10.14 17.64 13.52
N ALA A 169 -9.29 18.07 14.45
CA ALA A 169 -8.73 19.41 14.37
C ALA A 169 -7.47 19.61 15.21
N PHE A 170 -6.63 20.54 14.77
CA PHE A 170 -5.41 20.88 15.48
C PHE A 170 -5.59 22.31 15.98
N SER A 171 -5.36 22.53 17.27
CA SER A 171 -5.47 23.86 17.87
C SER A 171 -6.69 24.65 17.40
N PRO A 172 -7.88 24.03 17.37
CA PRO A 172 -9.09 24.72 16.92
C PRO A 172 -9.63 25.84 17.81
N ILE A 173 -10.30 26.79 17.17
CA ILE A 173 -10.97 27.88 17.87
C ILE A 173 -12.35 27.23 18.11
N VAL A 174 -12.51 26.56 19.24
CA VAL A 174 -13.76 25.85 19.51
C VAL A 174 -14.94 26.70 19.95
N ASN A 175 -14.67 27.91 20.42
CA ASN A 175 -15.74 28.79 20.91
C ASN A 175 -15.53 30.22 20.42
N PRO A 176 -15.52 30.43 19.10
CA PRO A 176 -15.31 31.75 18.47
C PRO A 176 -16.10 32.90 19.08
N ILE A 177 -17.29 32.60 19.58
CA ILE A 177 -18.14 33.62 20.19
C ILE A 177 -17.48 34.20 21.44
N ASN A 178 -16.62 33.43 22.09
CA ASN A 178 -15.96 33.91 23.31
C ASN A 178 -14.47 34.19 23.22
N CYS A 179 -14.00 34.60 22.04
CA CYS A 179 -12.58 34.92 21.88
C CYS A 179 -12.44 36.08 20.90
N PRO A 180 -11.37 36.89 21.06
CA PRO A 180 -11.12 38.04 20.19
C PRO A 180 -11.20 37.75 18.70
N TRP A 181 -10.53 36.69 18.25
CA TRP A 181 -10.57 36.35 16.83
C TRP A 181 -12.00 36.16 16.31
N GLY A 182 -12.82 35.47 17.10
CA GLY A 182 -14.19 35.25 16.68
C GLY A 182 -15.02 36.52 16.70
N VAL A 183 -14.94 37.26 17.80
CA VAL A 183 -15.70 38.50 17.93
C VAL A 183 -15.43 39.45 16.76
N LYS A 184 -14.16 39.70 16.48
CA LYS A 184 -13.81 40.59 15.38
C LYS A 184 -14.35 40.06 14.05
N ALA A 185 -14.07 38.81 13.75
CA ALA A 185 -14.53 38.23 12.48
C ALA A 185 -16.06 38.19 12.37
N PHE A 186 -16.73 37.71 13.42
CA PHE A 186 -18.20 37.62 13.39
C PHE A 186 -18.87 39.00 13.30
N THR A 187 -18.31 39.99 13.98
CA THR A 187 -18.88 41.34 13.95
C THR A 187 -18.81 41.93 12.53
N GLY A 188 -17.64 41.80 11.90
CA GLY A 188 -17.48 42.32 10.56
C GLY A 188 -18.31 41.56 9.54
N TYR A 189 -18.21 40.24 9.58
CA TYR A 189 -18.94 39.38 8.63
C TYR A 189 -20.42 39.20 8.89
N LEU A 190 -20.80 39.00 10.16
CA LEU A 190 -22.19 38.74 10.52
C LEU A 190 -22.99 39.89 11.15
N GLY A 191 -22.30 40.94 11.59
CA GLY A 191 -23.00 42.06 12.19
C GLY A 191 -22.99 42.01 13.70
N ALA A 192 -23.61 43.01 14.34
CA ALA A 192 -23.64 43.11 15.81
C ALA A 192 -24.56 42.13 16.51
N ASP A 193 -25.55 41.60 15.81
CA ASP A 193 -26.50 40.65 16.39
C ASP A 193 -25.82 39.31 16.67
N LYS A 194 -25.44 39.09 17.92
CA LYS A 194 -24.76 37.87 18.33
C LYS A 194 -25.56 36.56 18.16
N THR A 195 -26.89 36.66 18.05
CA THR A 195 -27.68 35.47 17.88
C THR A 195 -27.41 34.79 16.53
N THR A 196 -26.91 35.55 15.56
CA THR A 196 -26.60 34.99 14.25
C THR A 196 -25.21 34.37 14.19
N TRP A 197 -24.48 34.44 15.31
CA TRP A 197 -23.13 33.88 15.41
C TRP A 197 -23.16 32.41 15.84
N ALA A 198 -24.13 32.07 16.67
CA ALA A 198 -24.29 30.73 17.22
C ALA A 198 -24.22 29.61 16.19
N GLN A 199 -24.79 29.84 15.00
CA GLN A 199 -24.81 28.84 13.95
C GLN A 199 -23.42 28.49 13.41
N TYR A 200 -22.41 29.25 13.82
CA TYR A 200 -21.05 28.99 13.36
C TYR A 200 -20.11 28.68 14.53
N ASP A 201 -20.66 28.49 15.72
CA ASP A 201 -19.85 28.18 16.90
C ASP A 201 -19.97 26.71 17.28
N SER A 202 -18.84 26.01 17.25
CA SER A 202 -18.81 24.58 17.58
C SER A 202 -19.42 24.22 18.92
N CYS A 203 -19.15 25.01 19.95
CA CYS A 203 -19.72 24.72 21.26
C CYS A 203 -21.24 24.88 21.23
N LYS A 204 -21.73 25.95 20.59
CA LYS A 204 -23.16 26.17 20.48
C LYS A 204 -23.77 25.04 19.65
N LEU A 205 -23.10 24.71 18.55
CA LEU A 205 -23.56 23.66 17.67
C LEU A 205 -23.60 22.28 18.33
N MET A 206 -22.50 21.89 18.99
CA MET A 206 -22.45 20.58 19.62
C MET A 206 -23.58 20.44 20.64
N ALA A 207 -23.80 21.50 21.41
CA ALA A 207 -24.85 21.53 22.43
C ALA A 207 -26.22 21.14 21.88
N LYS A 208 -26.44 21.35 20.59
CA LYS A 208 -27.73 21.00 20.00
C LYS A 208 -27.67 19.83 19.02
N ALA A 209 -26.60 19.04 19.10
CA ALA A 209 -26.45 17.90 18.22
C ALA A 209 -27.44 16.79 18.58
N GLU A 210 -27.93 16.08 17.56
CA GLU A 210 -28.86 14.97 17.75
C GLU A 210 -28.08 13.68 17.92
N GLN A 211 -28.47 12.89 18.92
CA GLN A 211 -27.83 11.62 19.24
C GLN A 211 -27.44 10.78 18.04
N SER A 212 -28.39 10.49 17.16
CA SER A 212 -28.11 9.65 16.00
C SER A 212 -27.19 10.31 14.96
N ASN A 213 -26.91 11.59 15.14
CA ASN A 213 -26.03 12.29 14.20
C ASN A 213 -24.62 12.44 14.77
N TYR A 214 -24.37 11.90 15.95
CA TYR A 214 -23.04 12.01 16.55
C TYR A 214 -22.00 11.33 15.67
N LEU A 215 -20.84 11.95 15.51
CA LEU A 215 -19.78 11.34 14.72
C LEU A 215 -18.43 11.46 15.43
N PRO A 216 -17.50 10.54 15.14
CA PRO A 216 -16.17 10.51 15.73
C PRO A 216 -15.41 11.82 15.59
N MET A 217 -14.81 12.27 16.68
CA MET A 217 -14.03 13.50 16.66
C MET A 217 -12.76 13.41 17.47
N LEU A 218 -11.67 13.92 16.90
CA LEU A 218 -10.38 13.93 17.54
C LEU A 218 -9.81 15.33 17.47
N VAL A 219 -9.34 15.84 18.60
CA VAL A 219 -8.74 17.17 18.63
C VAL A 219 -7.39 17.06 19.31
N SER A 220 -6.38 17.68 18.72
CA SER A 220 -5.03 17.68 19.25
C SER A 220 -4.66 19.13 19.56
N GLN A 221 -4.22 19.38 20.78
CA GLN A 221 -3.84 20.73 21.22
C GLN A 221 -2.55 20.74 22.01
N GLY A 222 -1.56 21.48 21.51
CA GLY A 222 -0.29 21.56 22.21
C GLY A 222 -0.49 22.48 23.41
N ASP A 223 0.10 22.12 24.55
CA ASP A 223 -0.05 22.95 25.75
C ASP A 223 0.92 24.11 25.80
N ALA A 224 1.72 24.27 24.74
CA ALA A 224 2.67 25.37 24.68
C ALA A 224 2.23 26.33 23.57
N ASP A 225 0.96 26.22 23.20
CA ASP A 225 0.37 27.06 22.15
C ASP A 225 0.10 28.45 22.73
N ASN A 226 0.75 29.46 22.17
CA ASN A 226 0.57 30.84 22.65
C ASN A 226 -0.85 31.38 22.59
N PHE A 227 -1.70 30.78 21.76
CA PHE A 227 -3.09 31.25 21.64
C PHE A 227 -4.06 30.38 22.43
N LEU A 228 -3.54 29.37 23.11
CA LEU A 228 -4.36 28.45 23.88
C LEU A 228 -5.47 29.08 24.73
N ASP A 229 -5.07 29.87 25.72
CA ASP A 229 -6.03 30.48 26.62
C ASP A 229 -6.82 31.69 26.10
N GLU A 230 -6.22 32.47 25.21
CA GLU A 230 -6.95 33.64 24.69
C GLU A 230 -7.88 33.36 23.51
N GLN A 231 -7.47 32.49 22.59
CA GLN A 231 -8.26 32.20 21.40
C GLN A 231 -8.88 30.80 21.25
N LEU A 232 -8.14 29.76 21.62
CA LEU A 232 -8.59 28.39 21.45
C LEU A 232 -9.58 27.83 22.49
N LYS A 233 -9.21 27.89 23.77
CA LYS A 233 -10.08 27.40 24.84
C LYS A 233 -10.67 26.01 24.59
N PRO A 234 -9.82 25.00 24.35
CA PRO A 234 -10.32 23.64 24.09
C PRO A 234 -11.29 23.10 25.13
N GLN A 235 -11.03 23.39 26.40
CA GLN A 235 -11.89 22.90 27.48
C GLN A 235 -13.35 23.35 27.37
N ASN A 236 -13.61 24.46 26.69
CA ASN A 236 -14.97 24.93 26.52
C ASN A 236 -15.77 23.87 25.75
N LEU A 237 -15.12 23.27 24.76
CA LEU A 237 -15.75 22.25 23.95
C LEU A 237 -15.82 20.92 24.70
N VAL A 238 -14.81 20.64 25.51
CA VAL A 238 -14.78 19.40 26.29
C VAL A 238 -16.02 19.36 27.19
N ALA A 239 -16.37 20.53 27.75
CA ALA A 239 -17.53 20.62 28.65
C ALA A 239 -18.82 20.27 27.93
N VAL A 240 -19.05 20.87 26.76
CA VAL A 240 -20.26 20.61 26.00
C VAL A 240 -20.33 19.13 25.63
N ALA A 241 -19.22 18.60 25.10
CA ALA A 241 -19.14 17.21 24.70
C ALA A 241 -19.55 16.28 25.85
N LYS A 242 -19.12 16.61 27.06
CA LYS A 242 -19.44 15.79 28.24
C LYS A 242 -20.93 15.83 28.55
N GLN A 243 -21.53 17.02 28.49
CA GLN A 243 -22.95 17.16 28.78
C GLN A 243 -23.78 16.39 27.74
N LYS A 244 -23.28 16.30 26.51
CA LYS A 244 -24.00 15.64 25.43
C LYS A 244 -23.55 14.21 25.15
N ASP A 245 -22.57 13.72 25.91
CA ASP A 245 -22.04 12.39 25.70
C ASP A 245 -21.48 12.30 24.27
N TYR A 246 -21.07 13.45 23.71
CA TYR A 246 -20.53 13.47 22.36
C TYR A 246 -19.19 12.74 22.29
N PRO A 247 -19.02 11.88 21.28
CA PRO A 247 -17.78 11.11 21.10
C PRO A 247 -16.58 11.94 20.67
N LEU A 248 -16.23 12.92 21.50
CA LEU A 248 -15.08 13.79 21.24
C LEU A 248 -13.91 13.43 22.14
N THR A 249 -12.75 13.22 21.52
CA THR A 249 -11.55 12.92 22.27
C THR A 249 -10.60 14.09 22.02
N LEU A 250 -10.31 14.84 23.08
CA LEU A 250 -9.42 15.98 22.96
C LEU A 250 -8.16 15.68 23.76
N GLU A 251 -7.01 15.71 23.12
CA GLU A 251 -5.75 15.43 23.78
C GLU A 251 -4.82 16.63 23.81
N MET A 252 -4.23 16.87 24.97
CA MET A 252 -3.27 17.95 25.15
C MET A 252 -1.92 17.30 24.87
N GLN A 253 -1.15 17.89 23.96
CA GLN A 253 0.16 17.37 23.60
C GLN A 253 1.16 18.28 24.30
N THR A 254 1.77 17.78 25.36
CA THR A 254 2.68 18.59 26.14
C THR A 254 3.96 19.00 25.42
N GLY A 255 4.26 20.29 25.50
CA GLY A 255 5.45 20.83 24.87
C GLY A 255 5.31 21.34 23.45
N TYR A 256 4.22 21.00 22.78
CA TYR A 256 4.02 21.43 21.40
C TYR A 256 3.36 22.79 21.25
N ASP A 257 3.64 23.46 20.14
CA ASP A 257 3.08 24.78 19.88
C ASP A 257 1.99 24.82 18.82
N HIS A 258 1.78 26.01 18.27
CA HIS A 258 0.75 26.27 17.27
C HIS A 258 1.16 26.06 15.81
N SER A 259 2.44 25.78 15.58
CA SER A 259 3.00 25.62 14.24
C SER A 259 2.75 24.31 13.49
N TYR A 260 3.24 24.27 12.25
CA TYR A 260 3.09 23.08 11.44
C TYR A 260 4.07 22.00 11.89
N PHE A 261 4.99 22.37 12.79
CA PHE A 261 5.91 21.38 13.33
C PHE A 261 5.04 20.48 14.21
N PHE A 262 4.10 21.12 14.92
CA PHE A 262 3.15 20.42 15.79
C PHE A 262 2.24 19.55 14.92
N ILE A 263 1.64 20.17 13.92
CA ILE A 263 0.74 19.48 13.01
C ILE A 263 1.41 18.27 12.38
N SER A 264 2.60 18.44 11.83
CA SER A 264 3.31 17.34 11.18
C SER A 264 3.62 16.20 12.15
N SER A 265 3.65 16.51 13.43
CA SER A 265 3.95 15.51 14.45
C SER A 265 2.80 14.53 14.69
N PHE A 266 1.57 14.96 14.42
CA PHE A 266 0.43 14.08 14.66
C PHE A 266 -0.54 13.91 13.50
N ILE A 267 -0.20 14.45 12.34
CA ILE A 267 -1.08 14.33 11.19
C ILE A 267 -1.30 12.85 10.84
N ASP A 268 -0.28 12.03 11.09
CA ASP A 268 -0.40 10.61 10.81
C ASP A 268 -1.47 9.99 11.71
N GLN A 269 -1.48 10.40 12.98
CA GLN A 269 -2.47 9.90 13.93
C GLN A 269 -3.88 10.23 13.41
N HIS A 270 -4.05 11.45 12.90
CA HIS A 270 -5.35 11.86 12.38
C HIS A 270 -5.72 11.09 11.12
N LEU A 271 -4.75 10.86 10.25
CA LEU A 271 -5.01 10.11 9.02
C LEU A 271 -5.50 8.71 9.38
N VAL A 272 -4.80 8.06 10.30
CA VAL A 272 -5.20 6.72 10.75
C VAL A 272 -6.60 6.81 11.36
N PHE A 273 -6.84 7.89 12.10
CA PHE A 273 -8.13 8.12 12.74
C PHE A 273 -9.24 8.13 11.69
N HIS A 274 -9.11 9.00 10.70
CA HIS A 274 -10.10 9.12 9.66
C HIS A 274 -10.19 7.89 8.77
N HIS A 275 -9.07 7.20 8.58
CA HIS A 275 -9.06 6.01 7.75
C HIS A 275 -10.09 4.99 8.22
N GLN A 276 -10.19 4.82 9.53
CA GLN A 276 -11.14 3.88 10.11
C GLN A 276 -12.56 4.12 9.62
N TYR A 277 -12.96 5.39 9.59
CA TYR A 277 -14.31 5.75 9.19
C TYR A 277 -14.50 5.94 7.70
N LEU A 278 -13.40 6.24 7.01
CA LEU A 278 -13.45 6.43 5.57
C LEU A 278 -13.49 5.13 4.80
N SER A 279 -13.25 4.00 5.47
CA SER A 279 -13.24 2.71 4.79
C SER A 279 -14.22 1.60 5.19
N LEU B 2 27.30 32.14 20.38
CA LEU B 2 26.25 31.11 20.13
C LEU B 2 24.92 31.48 20.80
N GLU B 3 23.95 31.89 20.00
CA GLU B 3 22.66 32.32 20.50
C GLU B 3 21.49 31.51 19.94
N ASN B 4 20.68 30.94 20.83
CA ASN B 4 19.51 30.18 20.43
C ASN B 4 18.44 31.18 20.06
N ILE B 5 18.05 31.23 18.78
CA ILE B 5 17.02 32.19 18.34
C ILE B 5 15.62 31.61 18.16
N SER B 6 15.51 30.29 18.15
CA SER B 6 14.20 29.66 18.01
C SER B 6 14.24 28.23 18.51
N SER B 7 13.10 27.75 18.99
CA SER B 7 13.00 26.39 19.50
C SER B 7 11.55 25.92 19.39
N VAL B 8 11.37 24.70 18.91
CA VAL B 8 10.04 24.12 18.76
C VAL B 8 10.08 22.61 18.84
N LYS B 9 9.07 22.03 19.46
CA LYS B 9 9.02 20.58 19.60
C LYS B 9 8.39 19.96 18.35
N VAL B 10 8.97 18.85 17.92
CA VAL B 10 8.48 18.14 16.74
C VAL B 10 8.88 16.67 16.84
N SER B 11 7.89 15.79 16.67
CA SER B 11 8.10 14.36 16.75
C SER B 11 8.85 13.91 18.01
N GLY B 12 8.48 14.47 19.15
CA GLY B 12 9.12 14.09 20.40
C GLY B 12 10.49 14.69 20.60
N GLY B 13 11.05 15.28 19.54
CA GLY B 13 12.36 15.89 19.64
C GLY B 13 12.27 17.40 19.59
N TRP B 14 13.40 18.07 19.36
CA TRP B 14 13.41 19.51 19.31
C TRP B 14 14.17 20.11 18.13
N HIS B 15 13.54 21.08 17.49
CA HIS B 15 14.14 21.79 16.37
C HIS B 15 14.52 23.15 16.93
N LYS B 16 15.77 23.55 16.72
CA LYS B 16 16.24 24.83 17.23
C LYS B 16 17.19 25.52 16.26
N GLN B 17 17.01 26.83 16.11
CA GLN B 17 17.89 27.61 15.25
C GLN B 17 18.85 28.37 16.15
N TYR B 18 20.07 28.59 15.66
CA TYR B 18 21.09 29.33 16.40
C TYR B 18 21.86 30.25 15.47
N THR B 19 22.47 31.28 16.04
CA THR B 19 23.29 32.21 15.30
C THR B 19 24.62 32.26 16.04
N HIS B 20 25.70 32.54 15.32
CA HIS B 20 27.01 32.64 15.93
C HIS B 20 27.94 33.39 14.99
N SER B 21 28.98 34.00 15.55
CA SER B 21 29.95 34.73 14.75
C SER B 21 30.91 33.70 14.19
N ALA B 22 30.74 33.36 12.93
CA ALA B 22 31.61 32.38 12.28
C ALA B 22 32.96 32.97 11.93
N VAL B 23 34.01 32.25 12.31
CA VAL B 23 35.38 32.66 12.04
C VAL B 23 35.77 32.37 10.60
N SER B 24 35.32 31.22 10.08
CA SER B 24 35.65 30.82 8.72
C SER B 24 35.00 31.69 7.64
N THR B 25 33.84 32.26 7.96
CA THR B 25 33.13 33.09 7.00
C THR B 25 33.20 34.56 7.38
N HIS B 26 33.79 34.86 8.53
CA HIS B 26 33.92 36.22 9.00
C HIS B 26 32.57 36.95 8.99
N CYS B 27 31.56 36.29 9.53
CA CYS B 27 30.22 36.87 9.58
C CYS B 27 29.31 36.05 10.50
N THR B 28 28.14 36.58 10.78
CA THR B 28 27.17 35.88 11.61
C THR B 28 26.54 34.80 10.73
N MET B 29 26.46 33.59 11.27
CA MET B 29 25.87 32.48 10.53
C MET B 29 24.73 31.86 11.35
N ARG B 30 23.69 31.42 10.64
CA ARG B 30 22.54 30.80 11.29
C ARG B 30 22.44 29.35 10.85
N PHE B 31 22.24 28.45 11.80
CA PHE B 31 22.09 27.04 11.47
C PHE B 31 20.99 26.42 12.32
N ALA B 32 20.41 25.34 11.82
CA ALA B 32 19.34 24.65 12.53
C ALA B 32 19.82 23.29 13.02
N VAL B 33 19.29 22.85 14.15
CA VAL B 33 19.66 21.57 14.72
C VAL B 33 18.43 20.83 15.21
N PHE B 34 18.36 19.54 14.90
CA PHE B 34 17.27 18.72 15.39
C PHE B 34 17.87 17.65 16.29
N LEU B 35 17.37 17.61 17.53
CA LEU B 35 17.84 16.63 18.50
C LEU B 35 16.71 15.62 18.72
N PRO B 36 16.98 14.35 18.42
CA PRO B 36 15.95 13.32 18.60
C PRO B 36 15.54 13.20 20.07
N PRO B 37 14.37 12.60 20.33
CA PRO B 37 13.91 12.45 21.71
C PRO B 37 14.86 11.64 22.58
N GLY B 38 15.16 12.16 23.77
CA GLY B 38 16.05 11.44 24.67
C GLY B 38 17.51 11.82 24.60
N ALA B 39 17.90 12.61 23.61
CA ALA B 39 19.29 13.03 23.47
C ALA B 39 19.71 13.84 24.70
N SER B 40 20.84 13.46 25.29
CA SER B 40 21.35 14.15 26.47
C SER B 40 22.83 13.92 26.61
N GLU B 41 23.46 14.61 27.56
CA GLU B 41 24.88 14.48 27.79
C GLU B 41 25.25 13.05 28.19
N SER B 42 24.30 12.33 28.76
CA SER B 42 24.52 10.94 29.18
C SER B 42 24.09 9.96 28.09
N ASN B 43 23.40 10.48 27.08
CA ASN B 43 22.94 9.65 25.97
C ASN B 43 23.15 10.42 24.66
N LYS B 44 24.41 10.61 24.29
CA LYS B 44 24.76 11.35 23.08
C LYS B 44 24.39 10.59 21.81
N VAL B 45 23.95 11.34 20.80
CA VAL B 45 23.53 10.74 19.54
C VAL B 45 24.40 11.13 18.34
N PRO B 46 24.43 10.27 17.30
CA PRO B 46 25.22 10.54 16.09
C PRO B 46 24.58 11.70 15.33
N VAL B 47 25.29 12.23 14.34
CA VAL B 47 24.79 13.37 13.57
C VAL B 47 24.84 13.24 12.05
N LEU B 48 23.80 13.73 11.40
CA LEU B 48 23.73 13.75 9.95
C LEU B 48 23.75 15.21 9.55
N TYR B 49 24.74 15.60 8.75
CA TYR B 49 24.81 16.99 8.29
C TYR B 49 24.08 17.10 6.96
N TRP B 50 23.23 18.12 6.85
CA TRP B 50 22.47 18.33 5.63
C TRP B 50 22.81 19.65 4.97
N LEU B 51 23.31 19.58 3.74
CA LEU B 51 23.68 20.76 2.98
C LEU B 51 22.60 21.08 1.97
N SER B 52 22.12 22.32 1.98
CA SER B 52 21.06 22.72 1.06
C SER B 52 21.60 23.31 -0.24
N GLY B 53 20.68 23.54 -1.18
CA GLY B 53 21.08 24.08 -2.47
C GLY B 53 20.93 25.57 -2.65
N LEU B 54 21.10 26.00 -3.90
CA LEU B 54 21.01 27.41 -4.28
C LEU B 54 19.81 28.13 -3.70
N THR B 55 20.07 29.32 -3.16
CA THR B 55 19.07 30.21 -2.56
C THR B 55 18.46 29.74 -1.24
N CYS B 56 18.81 28.53 -0.81
CA CYS B 56 18.26 28.01 0.44
C CYS B 56 18.98 28.46 1.70
N THR B 57 18.33 28.20 2.83
CA THR B 57 18.87 28.50 4.14
C THR B 57 18.67 27.20 4.90
N ASP B 58 18.69 27.26 6.23
CA ASP B 58 18.49 26.06 7.02
C ASP B 58 17.03 25.65 7.07
N GLU B 59 16.14 26.65 6.96
CA GLU B 59 14.70 26.45 7.05
C GLU B 59 13.99 25.59 6.02
N ASN B 60 14.46 25.61 4.78
CA ASN B 60 13.85 24.84 3.71
C ASN B 60 13.73 23.35 4.03
N PHE B 61 14.84 22.74 4.39
CA PHE B 61 14.87 21.32 4.73
C PHE B 61 14.06 21.03 5.99
N MET B 62 14.32 21.78 7.06
CA MET B 62 13.62 21.56 8.32
C MET B 62 12.10 21.68 8.19
N GLN B 63 11.64 22.57 7.32
CA GLN B 63 10.21 22.78 7.16
C GLN B 63 9.52 21.92 6.09
N LYS B 64 10.25 21.54 5.06
CA LYS B 64 9.64 20.77 3.96
C LYS B 64 10.12 19.34 3.74
N ALA B 65 11.19 18.94 4.41
CA ALA B 65 11.69 17.58 4.19
C ALA B 65 10.90 16.52 4.93
N GLY B 66 10.41 16.84 6.12
CA GLY B 66 9.65 15.88 6.91
C GLY B 66 10.56 14.75 7.34
N ALA B 67 11.76 15.11 7.77
CA ALA B 67 12.76 14.13 8.20
C ALA B 67 12.74 13.81 9.69
N PHE B 68 12.02 14.63 10.46
CA PHE B 68 11.93 14.44 11.90
C PHE B 68 11.37 13.11 12.37
N LYS B 69 10.24 12.70 11.81
CA LYS B 69 9.61 11.45 12.21
C LYS B 69 10.57 10.27 12.23
N LYS B 70 11.23 10.02 11.10
CA LYS B 70 12.16 8.93 11.01
C LYS B 70 13.46 9.18 11.78
N ALA B 71 13.91 10.43 11.82
CA ALA B 71 15.14 10.75 12.54
C ALA B 71 14.94 10.53 14.05
N ALA B 72 13.78 10.88 14.56
CA ALA B 72 13.47 10.69 15.98
C ALA B 72 13.47 9.20 16.27
N GLU B 73 12.89 8.43 15.35
CA GLU B 73 12.81 6.99 15.50
C GLU B 73 14.18 6.32 15.51
N LEU B 74 15.07 6.76 14.62
CA LEU B 74 16.40 6.19 14.54
C LEU B 74 17.41 6.84 15.49
N GLY B 75 16.96 7.83 16.26
CA GLY B 75 17.85 8.50 17.18
C GLY B 75 19.03 9.16 16.48
N ILE B 76 18.71 9.98 15.48
CA ILE B 76 19.73 10.69 14.71
C ILE B 76 19.51 12.20 14.80
N ALA B 77 20.57 12.93 15.14
CA ALA B 77 20.50 14.39 15.22
C ALA B 77 20.74 14.93 13.82
N ILE B 78 20.19 16.11 13.53
CA ILE B 78 20.39 16.71 12.21
C ILE B 78 20.81 18.16 12.31
N VAL B 79 21.91 18.49 11.65
CA VAL B 79 22.42 19.85 11.63
C VAL B 79 22.33 20.36 10.20
N ALA B 80 21.63 21.47 10.01
CA ALA B 80 21.46 22.05 8.68
C ALA B 80 22.02 23.47 8.69
N PRO B 81 23.20 23.65 8.08
CA PRO B 81 23.84 24.97 8.02
C PRO B 81 23.31 25.82 6.87
N ASP B 82 23.70 27.09 6.84
CA ASP B 82 23.27 27.98 5.77
C ASP B 82 24.07 27.58 4.53
N THR B 83 23.80 28.22 3.39
CA THR B 83 24.47 27.90 2.15
C THR B 83 25.57 28.88 1.74
N SER B 84 25.82 29.88 2.58
CA SER B 84 26.85 30.87 2.28
C SER B 84 26.93 31.90 3.39
N PRO B 85 27.96 32.76 3.34
CA PRO B 85 28.08 33.81 4.36
C PRO B 85 26.95 34.77 4.01
N ARG B 86 26.56 35.64 4.94
CA ARG B 86 25.45 36.56 4.68
C ARG B 86 25.73 37.93 5.26
N GLY B 87 25.07 38.95 4.71
CA GLY B 87 25.24 40.30 5.23
C GLY B 87 25.68 41.34 4.22
N ASP B 88 25.49 42.61 4.58
CA ASP B 88 25.88 43.71 3.72
C ASP B 88 27.39 43.90 3.67
N ASN B 89 28.10 43.24 4.58
CA ASN B 89 29.57 43.34 4.59
C ASN B 89 30.19 42.19 3.81
N VAL B 90 29.34 41.34 3.24
CA VAL B 90 29.77 40.21 2.43
C VAL B 90 29.42 40.50 0.98
N PRO B 91 30.34 40.23 0.04
CA PRO B 91 30.02 40.50 -1.36
C PRO B 91 28.79 39.74 -1.82
N ASN B 92 28.15 40.25 -2.87
CA ASN B 92 26.97 39.60 -3.40
C ASN B 92 26.62 40.23 -4.74
N GLU B 93 25.86 39.50 -5.54
CA GLU B 93 25.41 40.00 -6.83
C GLU B 93 23.98 39.53 -7.02
N ASP B 94 23.32 40.07 -8.04
CA ASP B 94 21.94 39.76 -8.33
C ASP B 94 21.66 38.28 -8.61
N SER B 95 22.49 37.65 -9.44
CA SER B 95 22.29 36.25 -9.79
C SER B 95 22.02 35.34 -8.61
N TYR B 96 21.06 34.44 -8.78
CA TYR B 96 20.68 33.48 -7.75
C TYR B 96 21.68 32.32 -7.69
N ASP B 97 22.37 32.08 -8.80
CA ASP B 97 23.32 30.98 -8.90
C ASP B 97 24.75 31.30 -8.50
N PHE B 98 24.98 32.44 -7.85
CA PHE B 98 26.33 32.81 -7.44
C PHE B 98 26.33 33.74 -6.23
N ALA B 99 27.43 33.74 -5.51
CA ALA B 99 27.60 34.56 -4.32
C ALA B 99 26.67 34.12 -3.19
N GLN B 100 26.12 35.09 -2.47
CA GLN B 100 25.23 34.79 -1.35
C GLN B 100 24.12 33.82 -1.74
N GLY B 101 23.92 32.82 -0.89
CA GLY B 101 22.91 31.81 -1.15
C GLY B 101 23.44 30.76 -2.09
N ALA B 102 24.70 30.91 -2.52
CA ALA B 102 25.32 29.99 -3.46
C ALA B 102 26.83 29.86 -3.25
N GLY B 103 27.23 29.35 -2.09
CA GLY B 103 28.65 29.24 -1.81
C GLY B 103 29.37 28.06 -2.43
N PHE B 104 28.61 27.10 -2.94
CA PHE B 104 29.15 25.88 -3.56
C PHE B 104 30.12 25.10 -2.68
N TYR B 105 30.02 25.32 -1.38
CA TYR B 105 30.84 24.64 -0.39
C TYR B 105 32.33 24.51 -0.70
N VAL B 106 32.94 25.63 -1.11
CA VAL B 106 34.36 25.64 -1.41
C VAL B 106 34.97 26.80 -0.62
N ASN B 107 36.29 26.95 -0.70
CA ASN B 107 36.98 28.04 -0.05
C ASN B 107 37.51 28.93 -1.16
N ALA B 108 36.78 30.00 -1.45
CA ALA B 108 37.16 30.92 -2.52
C ALA B 108 38.58 31.46 -2.32
N THR B 109 39.35 31.49 -3.41
CA THR B 109 40.71 32.01 -3.35
C THR B 109 40.76 33.36 -4.06
N GLN B 110 39.81 33.58 -4.97
CA GLN B 110 39.73 34.82 -5.71
C GLN B 110 39.09 35.92 -4.88
N ALA B 111 39.65 37.13 -4.93
CA ALA B 111 39.07 38.25 -4.22
C ALA B 111 37.90 38.69 -5.09
N PRO B 112 36.86 39.30 -4.51
CA PRO B 112 36.64 39.65 -3.10
C PRO B 112 35.97 38.53 -2.30
N TYR B 113 35.85 37.35 -2.90
CA TYR B 113 35.19 36.22 -2.26
C TYR B 113 36.03 35.42 -1.28
N ASN B 114 37.35 35.60 -1.32
CA ASN B 114 38.25 34.88 -0.45
C ASN B 114 38.04 35.10 1.03
N THR B 115 37.54 36.27 1.40
CA THR B 115 37.33 36.60 2.80
C THR B 115 36.21 35.83 3.51
N HIS B 116 35.00 35.87 2.94
CA HIS B 116 33.86 35.20 3.57
C HIS B 116 33.39 33.90 2.97
N PHE B 117 33.67 33.66 1.69
CA PHE B 117 33.22 32.43 1.06
C PHE B 117 34.09 31.22 1.28
N ASN B 118 34.03 30.71 2.51
CA ASN B 118 34.79 29.54 2.92
C ASN B 118 33.83 28.56 3.56
N MET B 119 32.75 28.25 2.83
CA MET B 119 31.74 27.32 3.30
C MET B 119 32.32 25.93 3.48
N TYR B 120 33.40 25.64 2.77
CA TYR B 120 34.03 24.32 2.91
C TYR B 120 34.55 24.17 4.34
N ASP B 121 35.44 25.08 4.74
CA ASP B 121 36.01 25.05 6.09
C ASP B 121 34.90 25.15 7.14
N TYR B 122 33.88 25.96 6.84
CA TYR B 122 32.77 26.13 7.77
C TYR B 122 32.05 24.81 8.03
N VAL B 123 31.64 24.12 6.95
CA VAL B 123 30.93 22.85 7.08
C VAL B 123 31.82 21.71 7.57
N VAL B 124 33.05 21.67 7.06
CA VAL B 124 33.97 20.61 7.43
C VAL B 124 34.63 20.74 8.81
N ASN B 125 35.07 21.94 9.18
CA ASN B 125 35.77 22.10 10.45
C ASN B 125 35.12 22.96 11.53
N GLU B 126 34.76 24.19 11.20
CA GLU B 126 34.17 25.07 12.21
C GLU B 126 32.85 24.62 12.83
N LEU B 127 31.85 24.30 12.00
CA LEU B 127 30.55 23.88 12.51
C LEU B 127 30.59 22.58 13.34
N PRO B 128 31.16 21.50 12.77
CA PRO B 128 31.24 20.23 13.49
C PRO B 128 31.87 20.38 14.87
N ALA B 129 32.89 21.24 14.96
CA ALA B 129 33.57 21.49 16.23
C ALA B 129 32.60 22.17 17.20
N LEU B 130 31.85 23.13 16.69
CA LEU B 130 30.90 23.87 17.51
C LEU B 130 29.78 22.95 17.99
N ILE B 131 29.27 22.13 17.08
CA ILE B 131 28.20 21.19 17.38
C ILE B 131 28.57 20.20 18.49
N GLU B 132 29.69 19.51 18.32
CA GLU B 132 30.15 18.52 19.28
C GLU B 132 30.48 19.11 20.65
N GLN B 133 30.86 20.38 20.67
CA GLN B 133 31.21 21.03 21.93
C GLN B 133 29.99 21.54 22.72
N HIS B 134 28.91 21.87 22.03
CA HIS B 134 27.73 22.40 22.69
C HIS B 134 26.45 21.54 22.69
N PHE B 135 26.42 20.49 21.88
CA PHE B 135 25.22 19.65 21.81
C PHE B 135 25.47 18.21 22.24
N PRO B 136 24.41 17.51 22.67
CA PRO B 136 24.48 16.11 23.11
C PRO B 136 24.70 15.14 21.94
N VAL B 137 25.85 15.28 21.28
CA VAL B 137 26.16 14.44 20.13
C VAL B 137 27.55 13.84 20.23
N THR B 138 27.77 12.76 19.50
CA THR B 138 29.07 12.10 19.47
C THR B 138 29.84 12.68 18.29
N SER B 139 30.98 12.06 17.95
CA SER B 139 31.77 12.54 16.83
C SER B 139 31.45 11.74 15.57
N THR B 140 30.60 10.73 15.69
CA THR B 140 30.24 9.93 14.54
C THR B 140 29.29 10.77 13.70
N LYS B 141 29.62 10.93 12.42
CA LYS B 141 28.80 11.76 11.55
C LYS B 141 28.73 11.29 10.10
N ALA B 142 27.66 11.71 9.43
CA ALA B 142 27.42 11.39 8.05
C ALA B 142 27.00 12.69 7.38
N ILE B 143 26.91 12.71 6.07
CA ILE B 143 26.54 13.92 5.37
C ILE B 143 25.68 13.66 4.14
N SER B 144 24.77 14.59 3.86
CA SER B 144 23.88 14.50 2.72
C SER B 144 23.53 15.92 2.29
N GLY B 145 22.80 16.06 1.18
CA GLY B 145 22.43 17.37 0.70
C GLY B 145 21.67 17.37 -0.61
N HIS B 146 21.25 18.54 -1.06
CA HIS B 146 20.49 18.68 -2.29
C HIS B 146 21.12 19.62 -3.33
N SER B 147 21.19 19.15 -4.56
CA SER B 147 21.76 19.90 -5.68
C SER B 147 23.16 20.43 -5.35
N MET B 148 23.28 21.73 -5.14
CA MET B 148 24.57 22.32 -4.79
C MET B 148 25.04 21.66 -3.50
N GLY B 149 24.08 21.35 -2.64
CA GLY B 149 24.37 20.71 -1.37
C GLY B 149 24.68 19.24 -1.56
N GLY B 150 24.16 18.65 -2.64
CA GLY B 150 24.43 17.26 -2.92
C GLY B 150 25.87 17.16 -3.36
N HIS B 151 26.26 18.14 -4.18
CA HIS B 151 27.62 18.25 -4.67
C HIS B 151 28.51 18.39 -3.43
N GLY B 152 28.10 19.25 -2.52
CA GLY B 152 28.87 19.49 -1.30
C GLY B 152 29.08 18.25 -0.47
N ALA B 153 28.01 17.51 -0.21
CA ALA B 153 28.07 16.29 0.59
C ALA B 153 29.01 15.22 0.04
N LEU B 154 28.83 14.87 -1.22
CA LEU B 154 29.66 13.84 -1.86
C LEU B 154 31.11 14.30 -1.98
N MET B 155 31.30 15.56 -2.31
CA MET B 155 32.65 16.13 -2.47
C MET B 155 33.37 16.17 -1.12
N ILE B 156 32.68 16.61 -0.08
CA ILE B 156 33.29 16.68 1.24
C ILE B 156 33.59 15.29 1.80
N ALA B 157 32.71 14.33 1.51
CA ALA B 157 32.91 12.96 1.97
C ALA B 157 34.18 12.41 1.34
N LEU B 158 34.27 12.54 0.02
CA LEU B 158 35.41 12.05 -0.75
C LEU B 158 36.71 12.65 -0.25
N LYS B 159 36.68 13.93 0.13
CA LYS B 159 37.88 14.62 0.60
C LYS B 159 38.19 14.38 2.07
N ASN B 160 37.25 13.79 2.80
CA ASN B 160 37.45 13.50 4.23
C ASN B 160 36.88 12.10 4.52
N PRO B 161 37.44 11.09 3.85
CA PRO B 161 37.07 9.67 3.96
C PRO B 161 37.07 9.06 5.36
N GLN B 162 37.93 9.55 6.24
CA GLN B 162 38.00 8.99 7.59
C GLN B 162 37.13 9.71 8.61
N ASP B 163 36.54 10.83 8.21
CA ASP B 163 35.73 11.61 9.13
C ASP B 163 34.22 11.46 8.98
N TYR B 164 33.77 10.84 7.88
CA TYR B 164 32.35 10.61 7.67
C TYR B 164 32.17 9.11 7.42
N VAL B 165 31.13 8.55 8.02
CA VAL B 165 30.85 7.12 7.89
C VAL B 165 30.08 6.78 6.62
N SER B 166 29.40 7.78 6.05
CA SER B 166 28.62 7.55 4.84
C SER B 166 28.15 8.86 4.24
N ALA B 167 27.76 8.83 2.96
CA ALA B 167 27.30 10.04 2.29
C ALA B 167 26.19 9.75 1.28
N SER B 168 25.32 10.74 1.08
CA SER B 168 24.21 10.61 0.14
C SER B 168 23.89 11.96 -0.44
N ALA B 169 22.99 11.99 -1.42
CA ALA B 169 22.62 13.26 -2.04
C ALA B 169 21.36 13.13 -2.87
N PHE B 170 20.69 14.27 -3.05
CA PHE B 170 19.48 14.35 -3.85
C PHE B 170 19.79 15.32 -4.99
N SER B 171 19.53 14.90 -6.22
CA SER B 171 19.75 15.75 -7.40
C SER B 171 21.10 16.47 -7.31
N PRO B 172 22.19 15.73 -7.08
CA PRO B 172 23.48 16.41 -6.97
C PRO B 172 24.12 16.88 -8.27
N ILE B 173 24.94 17.92 -8.16
CA ILE B 173 25.72 18.44 -9.28
C ILE B 173 27.00 17.61 -9.13
N VAL B 174 27.04 16.46 -9.80
CA VAL B 174 28.18 15.54 -9.69
C VAL B 174 29.45 15.94 -10.42
N ASN B 175 29.31 16.75 -11.46
CA ASN B 175 30.45 17.16 -12.27
C ASN B 175 30.45 18.67 -12.54
N PRO B 176 30.55 19.49 -11.48
CA PRO B 176 30.54 20.95 -11.63
C PRO B 176 31.44 21.50 -12.75
N ILE B 177 32.62 20.91 -12.90
CA ILE B 177 33.54 21.36 -13.94
C ILE B 177 32.87 21.38 -15.31
N ASN B 178 31.93 20.46 -15.54
CA ASN B 178 31.25 20.37 -16.82
C ASN B 178 29.80 20.86 -16.87
N CYS B 179 29.47 21.89 -16.09
CA CYS B 179 28.12 22.43 -16.13
C CYS B 179 28.18 23.92 -15.84
N PRO B 180 27.26 24.70 -16.44
CA PRO B 180 27.20 26.16 -16.26
C PRO B 180 27.28 26.64 -14.81
N TRP B 181 26.47 26.06 -13.94
CA TRP B 181 26.49 26.45 -12.53
C TRP B 181 27.88 26.34 -11.93
N GLY B 182 28.55 25.22 -12.19
CA GLY B 182 29.87 25.00 -11.65
C GLY B 182 30.94 25.85 -12.30
N VAL B 183 30.91 25.96 -13.62
CA VAL B 183 31.89 26.77 -14.32
C VAL B 183 31.82 28.20 -13.79
N LYS B 184 30.61 28.73 -13.66
CA LYS B 184 30.45 30.09 -13.17
C LYS B 184 30.93 30.23 -11.73
N ALA B 185 30.55 29.28 -10.89
CA ALA B 185 30.94 29.29 -9.48
C ALA B 185 32.45 29.15 -9.31
N PHE B 186 33.04 28.19 -10.02
CA PHE B 186 34.47 27.96 -9.95
C PHE B 186 35.28 29.13 -10.51
N THR B 187 34.83 29.72 -11.61
CA THR B 187 35.55 30.85 -12.20
C THR B 187 35.60 32.00 -11.20
N GLY B 188 34.43 32.38 -10.67
CA GLY B 188 34.37 33.47 -9.72
C GLY B 188 35.10 33.22 -8.41
N TYR B 189 34.91 32.05 -7.83
CA TYR B 189 35.56 31.72 -6.56
C TYR B 189 37.01 31.26 -6.64
N LEU B 190 37.32 30.50 -7.68
CA LEU B 190 38.67 29.94 -7.83
C LEU B 190 39.56 30.50 -8.93
N GLY B 191 38.99 31.19 -9.91
CA GLY B 191 39.79 31.73 -10.98
C GLY B 191 39.66 30.95 -12.26
N ALA B 192 40.42 31.36 -13.29
CA ALA B 192 40.36 30.71 -14.60
C ALA B 192 41.25 29.47 -14.73
N ASP B 193 42.11 29.25 -13.75
CA ASP B 193 42.99 28.08 -13.77
C ASP B 193 42.19 26.86 -13.33
N LYS B 194 41.60 26.17 -14.30
CA LYS B 194 40.77 25.00 -14.04
C LYS B 194 41.44 23.85 -13.29
N THR B 195 42.76 23.86 -13.17
CA THR B 195 43.41 22.78 -12.45
C THR B 195 43.06 22.88 -10.97
N THR B 196 42.72 24.08 -10.49
CA THR B 196 42.36 24.26 -9.09
C THR B 196 40.92 23.84 -8.82
N TRP B 197 40.14 23.67 -9.89
CA TRP B 197 38.73 23.26 -9.79
C TRP B 197 38.58 21.79 -9.42
N ALA B 198 39.42 20.96 -10.04
CA ALA B 198 39.41 19.51 -9.85
C ALA B 198 39.31 19.05 -8.40
N GLN B 199 39.85 19.83 -7.47
CA GLN B 199 39.82 19.47 -6.06
C GLN B 199 38.43 19.61 -5.43
N TYR B 200 37.48 20.15 -6.18
CA TYR B 200 36.11 20.33 -5.69
C TYR B 200 35.07 19.65 -6.56
N ASP B 201 35.51 18.81 -7.48
CA ASP B 201 34.59 18.11 -8.36
C ASP B 201 34.50 16.68 -7.86
N SER B 202 33.28 16.18 -7.68
CA SER B 202 33.07 14.83 -7.18
C SER B 202 33.55 13.77 -8.15
N CYS B 203 33.34 13.99 -9.44
CA CYS B 203 33.78 13.03 -10.45
C CYS B 203 35.29 12.92 -10.47
N LYS B 204 35.97 14.07 -10.41
CA LYS B 204 37.43 14.09 -10.40
C LYS B 204 37.92 13.44 -9.12
N LEU B 205 37.32 13.80 -8.00
CA LEU B 205 37.70 13.26 -6.71
C LEU B 205 37.51 11.74 -6.58
N MET B 206 36.39 11.22 -7.07
CA MET B 206 36.15 9.78 -6.98
C MET B 206 37.15 8.98 -7.81
N ALA B 207 37.50 9.51 -8.98
CA ALA B 207 38.43 8.83 -9.88
C ALA B 207 39.80 8.61 -9.25
N LYS B 208 40.24 9.54 -8.42
CA LYS B 208 41.54 9.42 -7.77
C LYS B 208 41.41 8.85 -6.36
N ALA B 209 40.22 8.39 -6.02
CA ALA B 209 39.99 7.84 -4.69
C ALA B 209 40.68 6.50 -4.49
N GLU B 210 41.11 6.26 -3.26
CA GLU B 210 41.80 5.03 -2.89
C GLU B 210 40.78 4.02 -2.36
N GLN B 211 40.85 2.80 -2.87
CA GLN B 211 39.94 1.73 -2.47
C GLN B 211 39.73 1.64 -0.96
N SER B 212 40.81 1.78 -0.19
CA SER B 212 40.72 1.70 1.27
C SER B 212 39.92 2.83 1.90
N ASN B 213 39.72 3.92 1.17
CA ASN B 213 38.96 5.05 1.69
C ASN B 213 37.54 5.09 1.16
N TYR B 214 37.16 4.08 0.38
CA TYR B 214 35.81 4.05 -0.15
C TYR B 214 34.82 4.06 1.00
N LEU B 215 33.68 4.71 0.80
CA LEU B 215 32.64 4.76 1.83
C LEU B 215 31.28 4.68 1.15
N PRO B 216 30.29 4.07 1.83
CA PRO B 216 28.93 3.91 1.31
C PRO B 216 28.32 5.21 0.82
N MET B 217 27.83 5.20 -0.42
CA MET B 217 27.21 6.38 -1.01
C MET B 217 25.87 6.07 -1.66
N LEU B 218 24.91 6.95 -1.44
CA LEU B 218 23.58 6.81 -2.02
C LEU B 218 23.18 8.11 -2.70
N VAL B 219 22.60 8.00 -3.88
CA VAL B 219 22.16 9.19 -4.62
C VAL B 219 20.78 8.94 -5.21
N SER B 220 19.87 9.88 -4.99
CA SER B 220 18.51 9.80 -5.51
C SER B 220 18.35 10.92 -6.53
N GLN B 221 17.73 10.62 -7.66
CA GLN B 221 17.53 11.60 -8.72
C GLN B 221 16.24 11.37 -9.49
N GLY B 222 15.39 12.40 -9.55
CA GLY B 222 14.13 12.27 -10.29
C GLY B 222 14.42 12.46 -11.77
N ASP B 223 13.79 11.67 -12.63
CA ASP B 223 14.03 11.81 -14.06
C ASP B 223 13.18 12.90 -14.69
N ALA B 224 12.50 13.67 -13.84
CA ALA B 224 11.66 14.77 -14.32
C ALA B 224 12.30 16.06 -13.82
N ASP B 225 13.53 15.95 -13.34
CA ASP B 225 14.27 17.10 -12.84
C ASP B 225 14.66 17.96 -14.03
N ASN B 226 14.08 19.15 -14.14
CA ASN B 226 14.38 20.02 -15.28
C ASN B 226 15.85 20.41 -15.39
N PHE B 227 16.64 20.14 -14.35
CA PHE B 227 18.07 20.45 -14.36
C PHE B 227 18.91 19.21 -14.64
N LEU B 228 18.26 18.06 -14.77
CA LEU B 228 18.94 16.79 -15.01
C LEU B 228 20.11 16.78 -15.98
N ASP B 229 19.85 17.19 -17.22
CA ASP B 229 20.88 17.17 -18.26
C ASP B 229 21.85 18.35 -18.35
N GLU B 230 21.39 19.56 -18.04
CA GLU B 230 22.28 20.70 -18.14
C GLU B 230 23.18 20.96 -16.92
N GLN B 231 22.73 20.55 -15.74
CA GLN B 231 23.52 20.80 -14.53
C GLN B 231 23.89 19.59 -13.68
N LEU B 232 22.97 18.66 -13.51
CA LEU B 232 23.18 17.48 -12.69
C LEU B 232 24.07 16.37 -13.27
N LYS B 233 23.72 15.88 -14.46
CA LYS B 233 24.49 14.83 -15.14
C LYS B 233 24.93 13.67 -14.26
N PRO B 234 23.97 13.00 -13.59
CA PRO B 234 24.25 11.87 -12.71
C PRO B 234 25.07 10.73 -13.33
N GLN B 235 24.89 10.47 -14.62
CA GLN B 235 25.62 9.41 -15.29
C GLN B 235 27.13 9.60 -15.27
N ASN B 236 27.56 10.85 -15.15
CA ASN B 236 28.98 11.15 -15.11
C ASN B 236 29.62 10.51 -13.88
N LEU B 237 28.92 10.55 -12.76
CA LEU B 237 29.44 9.99 -11.52
C LEU B 237 29.38 8.46 -11.55
N VAL B 238 28.28 7.92 -12.07
CA VAL B 238 28.12 6.48 -12.16
C VAL B 238 29.26 5.88 -12.97
N ALA B 239 29.54 6.48 -14.12
CA ALA B 239 30.60 6.02 -15.00
C ALA B 239 31.90 5.92 -14.22
N VAL B 240 32.21 6.96 -13.44
CA VAL B 240 33.43 6.96 -12.65
C VAL B 240 33.37 5.92 -11.53
N ALA B 241 32.21 5.78 -10.92
CA ALA B 241 32.04 4.83 -9.83
C ALA B 241 32.30 3.41 -10.30
N LYS B 242 31.87 3.10 -11.52
CA LYS B 242 32.04 1.76 -12.06
C LYS B 242 33.48 1.49 -12.53
N GLN B 243 34.25 2.55 -12.70
CA GLN B 243 35.65 2.42 -13.10
C GLN B 243 36.43 2.05 -11.85
N LYS B 244 36.05 2.68 -10.74
CA LYS B 244 36.72 2.47 -9.46
C LYS B 244 36.06 1.40 -8.60
N ASP B 245 34.92 0.87 -9.05
CA ASP B 245 34.22 -0.13 -8.26
C ASP B 245 33.89 0.53 -6.93
N TYR B 246 33.58 1.82 -6.98
CA TYR B 246 33.25 2.57 -5.77
C TYR B 246 31.86 2.15 -5.30
N PRO B 247 31.66 2.03 -3.98
CA PRO B 247 30.36 1.63 -3.43
C PRO B 247 29.29 2.74 -3.50
N LEU B 248 28.94 3.13 -4.72
CA LEU B 248 27.95 4.16 -4.96
C LEU B 248 26.69 3.57 -5.56
N THR B 249 25.54 3.96 -5.02
CA THR B 249 24.25 3.49 -5.53
C THR B 249 23.43 4.70 -5.98
N LEU B 250 23.25 4.86 -7.29
CA LEU B 250 22.48 5.97 -7.82
C LEU B 250 21.15 5.43 -8.34
N GLU B 251 20.06 6.01 -7.87
CA GLU B 251 18.74 5.54 -8.28
C GLU B 251 17.88 6.63 -8.91
N MET B 252 17.45 6.39 -10.13
CA MET B 252 16.58 7.34 -10.81
C MET B 252 15.17 7.05 -10.34
N GLN B 253 14.46 8.09 -9.93
CA GLN B 253 13.09 7.94 -9.46
C GLN B 253 12.18 8.55 -10.52
N THR B 254 11.43 7.69 -11.20
CA THR B 254 10.56 8.12 -12.29
C THR B 254 9.45 9.10 -11.92
N GLY B 255 9.38 10.20 -12.67
CA GLY B 255 8.35 11.19 -12.46
C GLY B 255 8.66 12.31 -11.46
N TYR B 256 9.67 12.12 -10.62
CA TYR B 256 10.01 13.13 -9.63
C TYR B 256 10.84 14.28 -10.17
N ASP B 257 10.74 15.42 -9.48
CA ASP B 257 11.47 16.62 -9.89
C ASP B 257 12.59 17.00 -8.92
N HIS B 258 12.96 18.28 -8.97
CA HIS B 258 14.05 18.84 -8.16
C HIS B 258 13.58 19.43 -6.82
N SER B 259 12.28 19.46 -6.57
CA SER B 259 11.72 20.05 -5.35
C SER B 259 11.80 19.22 -4.07
N TYR B 260 11.38 19.83 -2.96
CA TYR B 260 11.42 19.14 -1.67
C TYR B 260 10.30 18.12 -1.54
N PHE B 261 9.36 18.12 -2.49
CA PHE B 261 8.29 17.13 -2.48
C PHE B 261 9.02 15.82 -2.81
N PHE B 262 10.05 15.95 -3.65
CA PHE B 262 10.90 14.84 -4.06
C PHE B 262 11.77 14.39 -2.88
N ILE B 263 12.47 15.34 -2.28
CA ILE B 263 13.32 15.05 -1.15
C ILE B 263 12.55 14.35 -0.04
N SER B 264 11.37 14.88 0.31
CA SER B 264 10.56 14.29 1.36
C SER B 264 10.13 12.86 1.01
N SER B 265 10.01 12.57 -0.28
CA SER B 265 9.60 11.25 -0.73
C SER B 265 10.63 10.15 -0.49
N PHE B 266 11.91 10.52 -0.36
CA PHE B 266 12.93 9.51 -0.11
C PHE B 266 13.90 9.82 1.02
N ILE B 267 13.61 10.87 1.79
CA ILE B 267 14.47 11.24 2.91
C ILE B 267 14.57 10.11 3.94
N ASP B 268 13.49 9.36 4.14
CA ASP B 268 13.50 8.25 5.08
C ASP B 268 14.44 7.14 4.62
N GLN B 269 14.47 6.90 3.31
CA GLN B 269 15.36 5.88 2.77
C GLN B 269 16.79 6.26 3.12
N HIS B 270 17.10 7.54 2.96
CA HIS B 270 18.44 8.04 3.27
C HIS B 270 18.77 7.98 4.76
N LEU B 271 17.78 8.24 5.62
CA LEU B 271 18.02 8.19 7.06
C LEU B 271 18.32 6.77 7.50
N VAL B 272 17.56 5.81 6.96
CA VAL B 272 17.79 4.41 7.27
C VAL B 272 19.18 4.03 6.77
N PHE B 273 19.50 4.48 5.56
CA PHE B 273 20.79 4.21 4.94
C PHE B 273 21.96 4.65 5.83
N HIS B 274 21.90 5.90 6.29
CA HIS B 274 22.96 6.43 7.13
C HIS B 274 22.97 5.81 8.53
N HIS B 275 21.79 5.53 9.05
CA HIS B 275 21.67 4.92 10.37
C HIS B 275 22.54 3.67 10.48
N GLN B 276 22.55 2.88 9.41
CA GLN B 276 23.32 1.66 9.37
C GLN B 276 24.79 1.88 9.68
N TYR B 277 25.36 2.96 9.16
CA TYR B 277 26.77 3.25 9.39
C TYR B 277 27.02 4.13 10.60
N LEU B 278 26.05 4.98 10.91
CA LEU B 278 26.17 5.88 12.05
C LEU B 278 26.20 5.07 13.34
N SER B 279 25.59 3.89 13.31
CA SER B 279 25.55 3.04 14.49
C SER B 279 26.35 1.75 14.29
N LEU C 2 -24.70 -15.47 -25.81
CA LEU C 2 -23.73 -16.16 -24.92
C LEU C 2 -22.35 -16.22 -25.57
N GLU C 3 -21.35 -15.68 -24.89
CA GLU C 3 -19.99 -15.68 -25.40
C GLU C 3 -18.98 -16.22 -24.41
N ASN C 4 -18.21 -17.21 -24.84
CA ASN C 4 -17.19 -17.85 -24.00
C ASN C 4 -15.92 -16.98 -24.03
N ILE C 5 -15.49 -16.49 -22.86
CA ILE C 5 -14.30 -15.64 -22.83
C ILE C 5 -13.02 -16.28 -22.28
N SER C 6 -13.15 -17.41 -21.57
CA SER C 6 -11.98 -18.09 -21.03
C SER C 6 -12.32 -19.57 -20.93
N SER C 7 -11.30 -20.42 -21.01
CA SER C 7 -11.49 -21.86 -20.93
C SER C 7 -10.17 -22.51 -20.50
N VAL C 8 -10.23 -23.38 -19.50
CA VAL C 8 -9.03 -24.06 -19.02
C VAL C 8 -9.33 -25.40 -18.36
N LYS C 9 -8.56 -26.42 -18.73
CA LYS C 9 -8.72 -27.76 -18.19
C LYS C 9 -8.25 -27.81 -16.74
N VAL C 10 -9.02 -28.49 -15.90
CA VAL C 10 -8.66 -28.64 -14.50
C VAL C 10 -9.28 -29.91 -13.93
N SER C 11 -8.44 -30.75 -13.33
CA SER C 11 -8.90 -32.01 -12.75
C SER C 11 -9.69 -32.83 -13.76
N GLY C 12 -9.23 -32.84 -15.01
CA GLY C 12 -9.90 -33.63 -16.03
C GLY C 12 -11.13 -32.98 -16.67
N GLY C 13 -11.67 -31.94 -16.04
CA GLY C 13 -12.84 -31.27 -16.57
C GLY C 13 -12.47 -29.89 -17.12
N TRP C 14 -13.46 -29.07 -17.42
CA TRP C 14 -13.19 -27.74 -17.94
C TRP C 14 -13.88 -26.62 -17.19
N HIS C 15 -13.12 -25.58 -16.88
CA HIS C 15 -13.64 -24.40 -16.22
C HIS C 15 -13.73 -23.35 -17.30
N LYS C 16 -14.93 -22.79 -17.48
CA LYS C 16 -15.14 -21.78 -18.51
C LYS C 16 -15.93 -20.59 -18.01
N GLN C 17 -15.56 -19.41 -18.49
CA GLN C 17 -16.26 -18.18 -18.14
C GLN C 17 -17.04 -17.73 -19.36
N TYR C 18 -18.22 -17.18 -19.13
CA TYR C 18 -19.08 -16.71 -20.21
C TYR C 18 -19.70 -15.37 -19.86
N THR C 19 -20.09 -14.63 -20.90
CA THR C 19 -20.75 -13.35 -20.71
C THR C 19 -22.01 -13.43 -21.58
N HIS C 20 -23.04 -12.70 -21.17
CA HIS C 20 -24.29 -12.68 -21.90
C HIS C 20 -25.09 -11.46 -21.47
N SER C 21 -25.96 -11.00 -22.36
CA SER C 21 -26.80 -9.85 -22.06
C SER C 21 -27.97 -10.41 -21.26
N ALA C 22 -27.98 -10.10 -19.97
CA ALA C 22 -29.03 -10.58 -19.08
C ALA C 22 -30.25 -9.68 -19.12
N VAL C 23 -31.42 -10.30 -19.27
CA VAL C 23 -32.68 -9.57 -19.31
C VAL C 23 -33.12 -9.11 -17.92
N SER C 24 -32.99 -9.99 -16.93
CA SER C 24 -33.42 -9.64 -15.58
C SER C 24 -32.63 -8.48 -14.99
N THR C 25 -31.34 -8.42 -15.28
CA THR C 25 -30.48 -7.36 -14.76
C THR C 25 -30.21 -6.23 -15.75
N HIS C 26 -30.76 -6.35 -16.96
CA HIS C 26 -30.56 -5.32 -17.97
C HIS C 26 -29.10 -4.92 -18.14
N CYS C 27 -28.21 -5.91 -18.08
CA CYS C 27 -26.79 -5.65 -18.26
C CYS C 27 -26.06 -6.92 -18.66
N THR C 28 -24.80 -6.76 -19.03
CA THR C 28 -23.98 -7.89 -19.41
C THR C 28 -23.55 -8.53 -18.10
N MET C 29 -23.71 -9.84 -18.00
CA MET C 29 -23.33 -10.58 -16.80
C MET C 29 -22.29 -11.63 -17.12
N ARG C 30 -21.41 -11.89 -16.16
CA ARG C 30 -20.38 -12.90 -16.36
C ARG C 30 -20.56 -13.99 -15.32
N PHE C 31 -20.42 -15.23 -15.75
CA PHE C 31 -20.52 -16.36 -14.83
C PHE C 31 -19.50 -17.41 -15.24
N ALA C 32 -19.23 -18.34 -14.33
CA ALA C 32 -18.26 -19.39 -14.59
C ALA C 32 -18.95 -20.74 -14.47
N VAL C 33 -18.46 -21.71 -15.22
CA VAL C 33 -19.02 -23.05 -15.21
C VAL C 33 -17.90 -24.08 -15.18
N PHE C 34 -18.11 -25.15 -14.44
CA PHE C 34 -17.16 -26.24 -14.41
C PHE C 34 -17.91 -27.48 -14.81
N LEU C 35 -17.45 -28.09 -15.90
CA LEU C 35 -18.05 -29.31 -16.41
C LEU C 35 -17.11 -30.45 -16.05
N PRO C 36 -17.60 -31.44 -15.29
CA PRO C 36 -16.79 -32.58 -14.88
C PRO C 36 -16.44 -33.46 -16.07
N PRO C 37 -15.39 -34.30 -15.92
CA PRO C 37 -14.95 -35.18 -17.01
C PRO C 37 -16.10 -36.07 -17.46
N GLY C 38 -16.30 -36.17 -18.77
CA GLY C 38 -17.36 -37.04 -19.27
C GLY C 38 -18.76 -36.47 -19.36
N ALA C 39 -18.92 -35.16 -19.16
CA ALA C 39 -20.23 -34.55 -19.26
C ALA C 39 -20.53 -34.44 -20.76
N SER C 40 -21.61 -35.07 -21.20
CA SER C 40 -21.99 -35.04 -22.60
C SER C 40 -23.50 -35.26 -22.75
N GLU C 41 -23.97 -35.19 -23.99
CA GLU C 41 -25.39 -35.40 -24.28
C GLU C 41 -25.79 -36.79 -23.78
N SER C 42 -24.85 -37.74 -23.86
CA SER C 42 -25.10 -39.11 -23.43
C SER C 42 -24.95 -39.26 -21.92
N ASN C 43 -24.22 -38.33 -21.31
CA ASN C 43 -24.00 -38.37 -19.87
C ASN C 43 -24.20 -36.98 -19.26
N LYS C 44 -25.41 -36.45 -19.38
CA LYS C 44 -25.73 -35.14 -18.81
C LYS C 44 -25.49 -35.22 -17.31
N VAL C 45 -25.13 -34.10 -16.69
CA VAL C 45 -24.85 -34.12 -15.25
C VAL C 45 -25.64 -33.12 -14.42
N PRO C 46 -25.83 -33.42 -13.13
CA PRO C 46 -26.58 -32.53 -12.23
C PRO C 46 -25.74 -31.28 -11.97
N VAL C 47 -26.38 -30.21 -11.49
CA VAL C 47 -25.68 -28.96 -11.25
C VAL C 47 -25.80 -28.39 -9.84
N LEU C 48 -24.68 -27.88 -9.33
CA LEU C 48 -24.66 -27.23 -8.03
C LEU C 48 -24.41 -25.75 -8.29
N TYR C 49 -25.38 -24.90 -7.93
CA TYR C 49 -25.19 -23.47 -8.10
C TYR C 49 -24.48 -22.94 -6.86
N TRP C 50 -23.50 -22.07 -7.08
CA TRP C 50 -22.73 -21.48 -5.99
C TRP C 50 -22.87 -19.97 -5.99
N LEU C 51 -23.37 -19.42 -4.88
CA LEU C 51 -23.55 -17.98 -4.75
C LEU C 51 -22.47 -17.41 -3.85
N SER C 52 -21.77 -16.38 -4.33
CA SER C 52 -20.70 -15.77 -3.56
C SER C 52 -21.16 -14.60 -2.70
N GLY C 53 -20.27 -14.16 -1.82
CA GLY C 53 -20.56 -13.05 -0.92
C GLY C 53 -20.08 -11.69 -1.41
N LEU C 54 -20.19 -10.70 -0.52
CA LEU C 54 -19.82 -9.32 -0.80
C LEU C 54 -18.47 -9.13 -1.47
N THR C 55 -18.49 -8.30 -2.52
CA THR C 55 -17.32 -7.96 -3.34
C THR C 55 -16.80 -9.04 -4.27
N CYS C 56 -17.31 -10.27 -4.16
CA CYS C 56 -16.84 -11.38 -4.99
C CYS C 56 -17.48 -11.42 -6.35
N THR C 57 -16.85 -12.13 -7.28
CA THR C 57 -17.37 -12.34 -8.62
C THR C 57 -17.40 -13.86 -8.68
N ASP C 58 -17.37 -14.40 -9.89
CA ASP C 58 -17.39 -15.85 -10.07
C ASP C 58 -16.01 -16.48 -9.79
N GLU C 59 -14.97 -15.69 -9.99
CA GLU C 59 -13.59 -16.15 -9.85
C GLU C 59 -13.08 -16.54 -8.46
N ASN C 60 -13.62 -15.94 -7.42
CA ASN C 60 -13.18 -16.25 -6.06
C ASN C 60 -13.27 -17.73 -5.75
N PHE C 61 -14.47 -18.28 -5.91
CA PHE C 61 -14.71 -19.70 -5.66
C PHE C 61 -13.94 -20.60 -6.61
N MET C 62 -14.03 -20.32 -7.90
CA MET C 62 -13.36 -21.14 -8.90
C MET C 62 -11.85 -21.24 -8.70
N GLN C 63 -11.25 -20.19 -8.15
CA GLN C 63 -9.81 -20.19 -7.95
C GLN C 63 -9.36 -20.56 -6.53
N LYS C 64 -10.19 -20.29 -5.53
CA LYS C 64 -9.80 -20.55 -4.14
C LYS C 64 -10.52 -21.66 -3.38
N ALA C 65 -11.61 -22.19 -3.92
CA ALA C 65 -12.34 -23.23 -3.22
C ALA C 65 -11.73 -24.62 -3.38
N GLY C 66 -11.11 -24.87 -4.53
CA GLY C 66 -10.50 -26.18 -4.77
C GLY C 66 -11.55 -27.27 -4.79
N ALA C 67 -12.66 -27.00 -5.45
CA ALA C 67 -13.76 -27.96 -5.53
C ALA C 67 -13.73 -28.84 -6.76
N PHE C 68 -12.79 -28.58 -7.67
CA PHE C 68 -12.69 -29.33 -8.92
C PHE C 68 -12.38 -30.83 -8.82
N LYS C 69 -11.45 -31.20 -7.94
CA LYS C 69 -11.08 -32.60 -7.79
C LYS C 69 -12.26 -33.46 -7.36
N LYS C 70 -13.00 -33.01 -6.36
CA LYS C 70 -14.15 -33.77 -5.86
C LYS C 70 -15.35 -33.72 -6.81
N ALA C 71 -15.60 -32.56 -7.41
CA ALA C 71 -16.72 -32.41 -8.34
C ALA C 71 -16.55 -33.28 -9.57
N ALA C 72 -15.30 -33.40 -10.04
CA ALA C 72 -15.00 -34.21 -11.21
C ALA C 72 -15.27 -35.66 -10.86
N GLU C 73 -14.84 -36.02 -9.66
CA GLU C 73 -14.99 -37.36 -9.11
C GLU C 73 -16.46 -37.76 -9.01
N LEU C 74 -17.28 -36.87 -8.46
CA LEU C 74 -18.70 -37.14 -8.29
C LEU C 74 -19.51 -36.81 -9.53
N GLY C 75 -18.86 -36.23 -10.54
CA GLY C 75 -19.56 -35.88 -11.76
C GLY C 75 -20.60 -34.78 -11.55
N ILE C 76 -20.19 -33.73 -10.85
CA ILE C 76 -21.07 -32.60 -10.59
C ILE C 76 -20.58 -31.35 -11.28
N ALA C 77 -21.50 -30.66 -11.94
CA ALA C 77 -21.15 -29.42 -12.63
C ALA C 77 -21.42 -28.29 -11.66
N ILE C 78 -20.59 -27.25 -11.71
CA ILE C 78 -20.75 -26.11 -10.82
C ILE C 78 -20.91 -24.82 -11.60
N VAL C 79 -21.96 -24.07 -11.26
CA VAL C 79 -22.20 -22.79 -11.91
C VAL C 79 -22.04 -21.69 -10.86
N ALA C 80 -21.18 -20.73 -11.16
CA ALA C 80 -20.93 -19.62 -10.25
C ALA C 80 -21.28 -18.29 -10.92
N PRO C 81 -22.43 -17.70 -10.55
CA PRO C 81 -22.85 -16.42 -11.12
C PRO C 81 -22.19 -15.26 -10.38
N ASP C 82 -22.36 -14.04 -10.91
CA ASP C 82 -21.78 -12.87 -10.27
C ASP C 82 -22.61 -12.55 -9.05
N THR C 83 -22.22 -11.51 -8.31
CA THR C 83 -22.93 -11.11 -7.09
C THR C 83 -23.90 -9.95 -7.27
N SER C 84 -24.00 -9.43 -8.49
CA SER C 84 -24.90 -8.31 -8.78
C SER C 84 -24.73 -7.84 -10.21
N PRO C 85 -25.54 -6.86 -10.65
CA PRO C 85 -25.38 -6.37 -12.02
C PRO C 85 -24.09 -5.56 -12.01
N ARG C 86 -23.53 -5.28 -13.19
CA ARG C 86 -22.27 -4.54 -13.28
C ARG C 86 -22.28 -3.56 -14.47
N GLY C 87 -21.44 -2.53 -14.39
CA GLY C 87 -21.35 -1.57 -15.47
C GLY C 87 -21.53 -0.11 -15.14
N ASP C 88 -21.13 0.76 -16.08
CA ASP C 88 -21.27 2.21 -15.90
C ASP C 88 -22.72 2.63 -16.09
N ASN C 89 -23.54 1.69 -16.55
CA ASN C 89 -24.96 1.93 -16.78
C ASN C 89 -25.80 1.50 -15.57
N VAL C 90 -25.14 0.87 -14.60
CA VAL C 90 -25.81 0.36 -13.39
C VAL C 90 -25.47 1.21 -12.16
N PRO C 91 -26.48 1.55 -11.36
CA PRO C 91 -26.24 2.36 -10.16
C PRO C 91 -25.16 1.73 -9.29
N ASN C 92 -24.45 2.55 -8.54
CA ASN C 92 -23.41 2.05 -7.66
C ASN C 92 -22.97 3.10 -6.66
N GLU C 93 -22.32 2.65 -5.60
CA GLU C 93 -21.82 3.56 -4.58
C GLU C 93 -20.61 2.98 -3.89
N ASP C 94 -19.85 3.86 -3.24
CA ASP C 94 -18.63 3.50 -2.55
C ASP C 94 -18.81 2.70 -1.24
N SER C 95 -19.66 1.69 -1.28
CA SER C 95 -19.88 0.86 -0.10
C SER C 95 -19.65 -0.60 -0.50
N TYR C 96 -18.70 -1.24 0.15
CA TYR C 96 -18.40 -2.65 -0.16
C TYR C 96 -19.62 -3.52 0.13
N ASP C 97 -20.45 -3.07 1.07
CA ASP C 97 -21.63 -3.83 1.45
C ASP C 97 -22.95 -3.40 0.80
N PHE C 98 -22.89 -2.59 -0.24
CA PHE C 98 -24.13 -2.18 -0.91
C PHE C 98 -23.92 -1.91 -2.40
N ALA C 99 -24.98 -2.07 -3.18
CA ALA C 99 -24.94 -1.87 -4.62
C ALA C 99 -24.11 -2.94 -5.34
N GLN C 100 -23.27 -2.52 -6.27
CA GLN C 100 -22.47 -3.47 -7.03
C GLN C 100 -21.52 -4.32 -6.18
N GLY C 101 -21.61 -5.63 -6.39
CA GLY C 101 -20.82 -6.58 -5.64
C GLY C 101 -21.59 -6.98 -4.38
N ALA C 102 -22.83 -6.49 -4.28
CA ALA C 102 -23.67 -6.78 -3.12
C ALA C 102 -25.16 -6.73 -3.44
N GLY C 103 -25.59 -7.54 -4.40
CA GLY C 103 -27.00 -7.55 -4.78
C GLY C 103 -27.95 -8.22 -3.79
N PHE C 104 -27.38 -8.95 -2.83
CA PHE C 104 -28.15 -9.66 -1.81
C PHE C 104 -29.22 -10.61 -2.33
N TYR C 105 -29.09 -10.97 -3.61
CA TYR C 105 -30.02 -11.90 -4.25
C TYR C 105 -31.49 -11.57 -4.03
N VAL C 106 -31.83 -10.30 -4.21
CA VAL C 106 -33.20 -9.86 -4.07
C VAL C 106 -33.55 -9.13 -5.35
N ASN C 107 -34.84 -8.84 -5.53
CA ASN C 107 -35.30 -8.08 -6.67
C ASN C 107 -35.67 -6.73 -6.07
N ALA C 108 -34.79 -5.75 -6.26
CA ALA C 108 -35.00 -4.41 -5.71
C ALA C 108 -36.27 -3.75 -6.22
N THR C 109 -36.95 -3.04 -5.33
CA THR C 109 -38.19 -2.34 -5.67
C THR C 109 -37.99 -0.83 -5.62
N GLN C 110 -36.95 -0.39 -4.92
CA GLN C 110 -36.67 1.03 -4.77
C GLN C 110 -35.80 1.61 -5.90
N ALA C 111 -36.26 2.73 -6.45
CA ALA C 111 -35.54 3.41 -7.52
C ALA C 111 -34.24 3.94 -6.92
N PRO C 112 -33.15 3.95 -7.70
CA PRO C 112 -33.06 3.49 -9.09
C PRO C 112 -32.59 2.06 -9.25
N TYR C 113 -32.56 1.30 -8.15
CA TYR C 113 -32.09 -0.08 -8.18
C TYR C 113 -33.04 -1.11 -8.76
N ASN C 114 -34.32 -0.74 -8.87
CA ASN C 114 -35.30 -1.68 -9.39
C ASN C 114 -34.99 -2.15 -10.81
N THR C 115 -34.36 -1.31 -11.61
CA THR C 115 -34.04 -1.67 -12.99
C THR C 115 -33.05 -2.82 -13.15
N HIS C 116 -31.90 -2.72 -12.51
CA HIS C 116 -30.86 -3.74 -12.64
C HIS C 116 -30.68 -4.73 -11.50
N PHE C 117 -30.97 -4.31 -10.28
CA PHE C 117 -30.77 -5.20 -9.14
C PHE C 117 -31.86 -6.23 -8.89
N ASN C 118 -31.86 -7.24 -9.75
CA ASN C 118 -32.83 -8.34 -9.67
C ASN C 118 -32.07 -9.65 -9.69
N MET C 119 -31.12 -9.78 -8.77
CA MET C 119 -30.29 -10.99 -8.69
C MET C 119 -31.08 -12.24 -8.32
N TYR C 120 -32.27 -12.07 -7.74
CA TYR C 120 -33.08 -13.22 -7.39
C TYR C 120 -33.59 -13.83 -8.71
N ASP C 121 -34.20 -12.98 -9.52
CA ASP C 121 -34.73 -13.44 -10.79
C ASP C 121 -33.61 -14.01 -11.66
N TYR C 122 -32.44 -13.38 -11.59
CA TYR C 122 -31.29 -13.82 -12.37
C TYR C 122 -30.83 -15.22 -11.97
N VAL C 123 -30.63 -15.42 -10.68
CA VAL C 123 -30.16 -16.70 -10.18
C VAL C 123 -31.22 -17.80 -10.18
N VAL C 124 -32.44 -17.44 -9.82
CA VAL C 124 -33.54 -18.39 -9.77
C VAL C 124 -34.16 -18.72 -11.11
N ASN C 125 -34.35 -17.73 -11.97
CA ASN C 125 -34.98 -17.98 -13.24
C ASN C 125 -34.15 -17.90 -14.52
N GLU C 126 -33.55 -16.74 -14.80
CA GLU C 126 -32.80 -16.59 -16.04
C GLU C 126 -31.58 -17.48 -16.24
N LEU C 127 -30.69 -17.55 -15.25
CA LEU C 127 -29.49 -18.36 -15.39
C LEU C 127 -29.75 -19.86 -15.59
N PRO C 128 -30.53 -20.50 -14.71
CA PRO C 128 -30.82 -21.93 -14.84
C PRO C 128 -31.32 -22.29 -16.24
N ALA C 129 -32.19 -21.45 -16.79
CA ALA C 129 -32.75 -21.67 -18.11
C ALA C 129 -31.63 -21.59 -19.14
N LEU C 130 -30.72 -20.64 -18.95
CA LEU C 130 -29.60 -20.49 -19.87
C LEU C 130 -28.66 -21.70 -19.76
N ILE C 131 -28.39 -22.13 -18.53
CA ILE C 131 -27.50 -23.26 -18.29
C ILE C 131 -28.00 -24.56 -18.90
N GLU C 132 -29.23 -24.93 -18.59
CA GLU C 132 -29.81 -26.17 -19.09
C GLU C 132 -30.04 -26.15 -20.61
N GLN C 133 -30.00 -24.96 -21.19
CA GLN C 133 -30.20 -24.80 -22.62
C GLN C 133 -28.92 -24.97 -23.41
N HIS C 134 -27.78 -24.62 -22.81
CA HIS C 134 -26.51 -24.69 -23.50
C HIS C 134 -25.49 -25.73 -23.03
N PHE C 135 -25.67 -26.25 -21.82
CA PHE C 135 -24.71 -27.22 -21.30
C PHE C 135 -25.24 -28.64 -21.12
N PRO C 136 -24.35 -29.64 -21.12
CA PRO C 136 -24.75 -31.04 -20.96
C PRO C 136 -25.12 -31.37 -19.51
N VAL C 137 -26.17 -30.71 -19.02
CA VAL C 137 -26.63 -30.93 -17.65
C VAL C 137 -28.09 -31.32 -17.62
N THR C 138 -28.47 -32.02 -16.56
CA THR C 138 -29.85 -32.45 -16.39
C THR C 138 -30.60 -31.27 -15.77
N SER C 139 -31.83 -31.50 -15.34
CA SER C 139 -32.64 -30.46 -14.73
C SER C 139 -32.59 -30.53 -13.21
N THR C 140 -31.84 -31.50 -12.69
CA THR C 140 -31.70 -31.65 -11.24
C THR C 140 -30.63 -30.68 -10.79
N LYS C 141 -30.91 -29.95 -9.71
CA LYS C 141 -29.95 -28.97 -9.20
C LYS C 141 -30.03 -28.75 -7.69
N ALA C 142 -28.92 -28.28 -7.14
CA ALA C 142 -28.80 -27.98 -5.72
C ALA C 142 -28.16 -26.59 -5.66
N ILE C 143 -28.17 -25.98 -4.49
CA ILE C 143 -27.60 -24.65 -4.38
C ILE C 143 -26.85 -24.46 -3.06
N SER C 144 -25.76 -23.70 -3.13
CA SER C 144 -24.93 -23.43 -1.97
C SER C 144 -24.29 -22.05 -2.10
N GLY C 145 -23.58 -21.61 -1.07
CA GLY C 145 -22.94 -20.30 -1.12
C GLY C 145 -22.27 -19.87 0.16
N HIS C 146 -21.64 -18.70 0.12
CA HIS C 146 -20.91 -18.15 1.26
C HIS C 146 -21.39 -16.77 1.68
N SER C 147 -21.60 -16.59 2.99
CA SER C 147 -22.04 -15.32 3.58
C SER C 147 -23.28 -14.74 2.90
N MET C 148 -23.11 -13.68 2.12
CA MET C 148 -24.26 -13.08 1.43
C MET C 148 -24.81 -14.14 0.49
N GLY C 149 -23.92 -14.99 0.00
CA GLY C 149 -24.32 -16.06 -0.89
C GLY C 149 -24.89 -17.21 -0.09
N GLY C 150 -24.58 -17.26 1.20
CA GLY C 150 -25.10 -18.32 2.06
C GLY C 150 -26.56 -18.00 2.29
N HIS C 151 -26.81 -16.72 2.54
CA HIS C 151 -28.15 -16.20 2.73
C HIS C 151 -28.91 -16.52 1.44
N GLY C 152 -28.29 -16.20 0.32
CA GLY C 152 -28.91 -16.44 -0.98
C GLY C 152 -29.31 -17.88 -1.21
N ALA C 153 -28.37 -18.79 -0.96
CA ALA C 153 -28.60 -20.22 -1.13
C ALA C 153 -29.78 -20.75 -0.32
N LEU C 154 -29.73 -20.55 0.99
CA LEU C 154 -30.79 -21.03 1.89
C LEU C 154 -32.14 -20.39 1.57
N MET C 155 -32.11 -19.07 1.39
CA MET C 155 -33.33 -18.34 1.09
C MET C 155 -33.96 -18.77 -0.24
N ILE C 156 -33.14 -18.94 -1.27
CA ILE C 156 -33.66 -19.35 -2.57
C ILE C 156 -34.23 -20.77 -2.55
N ALA C 157 -33.59 -21.70 -1.85
CA ALA C 157 -34.10 -23.06 -1.78
C ALA C 157 -35.44 -23.08 -1.01
N LEU C 158 -35.52 -22.26 0.03
CA LEU C 158 -36.73 -22.19 0.82
C LEU C 158 -37.92 -21.68 0.01
N LYS C 159 -37.66 -20.70 -0.85
CA LYS C 159 -38.70 -20.12 -1.70
C LYS C 159 -39.00 -20.98 -2.93
N ASN C 160 -38.14 -21.95 -3.22
CA ASN C 160 -38.35 -22.83 -4.37
C ASN C 160 -37.97 -24.27 -3.98
N PRO C 161 -38.58 -24.79 -2.90
CA PRO C 161 -38.35 -26.13 -2.37
C PRO C 161 -38.51 -27.33 -3.32
N GLN C 162 -39.26 -27.16 -4.40
CA GLN C 162 -39.45 -28.25 -5.34
C GLN C 162 -38.49 -28.19 -6.52
N ASP C 163 -37.72 -27.11 -6.59
CA ASP C 163 -36.79 -26.92 -7.69
C ASP C 163 -35.34 -27.26 -7.35
N TYR C 164 -35.04 -27.44 -6.07
CA TYR C 164 -33.70 -27.79 -5.62
C TYR C 164 -33.78 -29.01 -4.71
N VAL C 165 -32.94 -30.00 -4.98
CA VAL C 165 -32.93 -31.23 -4.18
C VAL C 165 -32.32 -31.06 -2.79
N SER C 166 -31.50 -30.01 -2.63
CA SER C 166 -30.85 -29.76 -1.35
C SER C 166 -30.12 -28.41 -1.37
N ALA C 167 -29.77 -27.91 -0.19
CA ALA C 167 -29.07 -26.64 -0.08
C ALA C 167 -28.08 -26.65 1.08
N SER C 168 -27.01 -25.89 0.92
CA SER C 168 -25.97 -25.78 1.95
C SER C 168 -25.41 -24.36 1.93
N ALA C 169 -24.65 -24.01 2.96
CA ALA C 169 -24.07 -22.68 3.06
C ALA C 169 -22.87 -22.59 4.00
N PHE C 170 -21.97 -21.66 3.69
CA PHE C 170 -20.79 -21.40 4.51
C PHE C 170 -20.96 -19.99 5.08
N SER C 171 -20.86 -19.86 6.40
CA SER C 171 -20.96 -18.56 7.05
C SER C 171 -22.15 -17.75 6.53
N PRO C 172 -23.35 -18.35 6.51
CA PRO C 172 -24.50 -17.59 6.00
C PRO C 172 -25.08 -16.52 6.93
N ILE C 173 -25.67 -15.51 6.32
CA ILE C 173 -26.36 -14.45 7.05
C ILE C 173 -27.77 -15.05 7.04
N VAL C 174 -28.08 -15.80 8.09
CA VAL C 174 -29.36 -16.49 8.18
C VAL C 174 -30.55 -15.62 8.60
N ASN C 175 -30.26 -14.46 9.17
CA ASN C 175 -31.32 -13.57 9.65
C ASN C 175 -30.97 -12.12 9.29
N PRO C 176 -30.87 -11.82 7.98
CA PRO C 176 -30.53 -10.48 7.48
C PRO C 176 -31.32 -9.33 8.10
N ILE C 177 -32.59 -9.59 8.43
CA ILE C 177 -33.43 -8.57 9.04
C ILE C 177 -32.84 -8.09 10.36
N ASN C 178 -32.07 -8.95 11.03
CA ASN C 178 -31.50 -8.60 12.31
C ASN C 178 -29.99 -8.33 12.37
N CYS C 179 -29.41 -7.87 11.27
CA CYS C 179 -27.99 -7.57 11.26
C CYS C 179 -27.73 -6.36 10.37
N PRO C 180 -26.65 -5.60 10.66
CA PRO C 180 -26.27 -4.41 9.89
C PRO C 180 -26.27 -4.60 8.37
N TRP C 181 -25.68 -5.70 7.90
CA TRP C 181 -25.63 -5.96 6.47
C TRP C 181 -27.03 -6.07 5.86
N GLY C 182 -27.90 -6.83 6.52
CA GLY C 182 -29.25 -7.01 6.03
C GLY C 182 -30.09 -5.74 6.05
N VAL C 183 -30.05 -5.01 7.16
CA VAL C 183 -30.82 -3.78 7.30
C VAL C 183 -30.47 -2.78 6.21
N LYS C 184 -29.17 -2.51 6.05
CA LYS C 184 -28.72 -1.57 5.04
C LYS C 184 -29.19 -1.98 3.64
N ALA C 185 -28.90 -3.22 3.27
CA ALA C 185 -29.28 -3.73 1.96
C ALA C 185 -30.78 -3.73 1.71
N PHE C 186 -31.54 -4.18 2.70
CA PHE C 186 -32.99 -4.24 2.57
C PHE C 186 -33.62 -2.85 2.53
N THR C 187 -33.09 -1.94 3.34
CA THR C 187 -33.60 -0.58 3.38
C THR C 187 -33.37 0.08 2.03
N GLY C 188 -32.20 -0.18 1.44
CA GLY C 188 -31.87 0.40 0.14
C GLY C 188 -32.56 -0.25 -1.04
N TYR C 189 -32.63 -1.57 -1.04
CA TYR C 189 -33.25 -2.30 -2.14
C TYR C 189 -34.77 -2.46 -2.02
N LEU C 190 -35.26 -2.67 -0.81
CA LEU C 190 -36.68 -2.89 -0.58
C LEU C 190 -37.45 -1.78 0.12
N GLY C 191 -36.73 -0.79 0.66
CA GLY C 191 -37.41 0.30 1.35
C GLY C 191 -37.49 0.14 2.85
N ALA C 192 -38.17 1.08 3.51
CA ALA C 192 -38.31 1.07 4.97
C ALA C 192 -39.38 0.16 5.55
N ASP C 193 -40.34 -0.28 4.74
CA ASP C 193 -41.38 -1.17 5.25
C ASP C 193 -40.82 -2.57 5.45
N LYS C 194 -40.43 -2.87 6.70
CA LYS C 194 -39.84 -4.16 7.04
C LYS C 194 -40.67 -5.40 6.74
N THR C 195 -41.96 -5.22 6.48
CA THR C 195 -42.80 -6.36 6.17
C THR C 195 -42.40 -6.99 4.84
N THR C 196 -41.80 -6.18 3.95
CA THR C 196 -41.36 -6.66 2.66
C THR C 196 -40.02 -7.41 2.75
N TRP C 197 -39.35 -7.27 3.90
CA TRP C 197 -38.06 -7.91 4.11
C TRP C 197 -38.19 -9.41 4.42
N ALA C 198 -39.24 -9.77 5.14
CA ALA C 198 -39.47 -11.16 5.55
C ALA C 198 -39.39 -12.17 4.43
N GLN C 199 -39.89 -11.81 3.24
CA GLN C 199 -39.87 -12.72 2.10
C GLN C 199 -38.46 -13.10 1.66
N TYR C 200 -37.46 -12.41 2.19
CA TYR C 200 -36.06 -12.67 1.84
C TYR C 200 -35.18 -13.08 3.02
N ASP C 201 -35.80 -13.35 4.16
CA ASP C 201 -35.07 -13.73 5.37
C ASP C 201 -35.24 -15.23 5.60
N SER C 202 -34.13 -15.97 5.66
CA SER C 202 -34.19 -17.42 5.86
C SER C 202 -34.90 -17.85 7.13
N CYS C 203 -34.70 -17.12 8.22
CA CYS C 203 -35.35 -17.49 9.48
C CYS C 203 -36.87 -17.31 9.38
N LYS C 204 -37.28 -16.19 8.78
CA LYS C 204 -38.69 -15.91 8.59
C LYS C 204 -39.30 -16.96 7.67
N LEU C 205 -38.58 -17.27 6.60
CA LEU C 205 -39.03 -18.23 5.61
C LEU C 205 -39.13 -19.66 6.14
N MET C 206 -38.13 -20.09 6.92
CA MET C 206 -38.15 -21.44 7.46
C MET C 206 -39.30 -21.60 8.46
N ALA C 207 -39.63 -20.52 9.15
CA ALA C 207 -40.71 -20.55 10.13
C ALA C 207 -42.06 -20.79 9.46
N LYS C 208 -42.15 -20.47 8.17
CA LYS C 208 -43.40 -20.64 7.42
C LYS C 208 -43.34 -21.86 6.52
N ALA C 209 -42.26 -22.63 6.63
CA ALA C 209 -42.09 -23.82 5.81
C ALA C 209 -43.09 -24.92 6.14
N GLU C 210 -43.51 -25.66 5.11
CA GLU C 210 -44.43 -26.75 5.29
C GLU C 210 -43.69 -28.05 5.03
N GLN C 211 -43.86 -29.01 5.94
CA GLN C 211 -43.19 -30.31 5.87
C GLN C 211 -42.99 -30.93 4.51
N SER C 212 -44.04 -30.97 3.68
CA SER C 212 -43.90 -31.57 2.36
C SER C 212 -42.84 -30.88 1.50
N ASN C 213 -42.45 -29.65 1.87
CA ASN C 213 -41.44 -28.90 1.13
C ASN C 213 -40.07 -28.91 1.78
N TYR C 214 -39.95 -29.54 2.95
CA TYR C 214 -38.66 -29.59 3.62
C TYR C 214 -37.62 -30.26 2.74
N LEU C 215 -36.43 -29.66 2.65
CA LEU C 215 -35.36 -30.24 1.86
C LEU C 215 -34.11 -30.22 2.71
N PRO C 216 -33.25 -31.23 2.59
CA PRO C 216 -32.01 -31.33 3.37
C PRO C 216 -31.10 -30.11 3.28
N MET C 217 -30.64 -29.64 4.43
CA MET C 217 -29.75 -28.48 4.52
C MET C 217 -28.52 -28.72 5.41
N LEU C 218 -27.38 -28.22 4.94
CA LEU C 218 -26.13 -28.33 5.68
C LEU C 218 -25.48 -26.96 5.73
N VAL C 219 -25.11 -26.53 6.93
CA VAL C 219 -24.47 -25.24 7.12
C VAL C 219 -23.17 -25.40 7.88
N SER C 220 -22.11 -24.77 7.38
CA SER C 220 -20.81 -24.83 8.01
C SER C 220 -20.41 -23.42 8.44
N GLN C 221 -20.05 -23.27 9.71
CA GLN C 221 -19.67 -21.98 10.27
C GLN C 221 -18.39 -22.08 11.11
N GLY C 222 -17.42 -21.21 10.85
CA GLY C 222 -16.19 -21.22 11.61
C GLY C 222 -16.42 -20.43 12.89
N ASP C 223 -15.92 -20.89 14.03
CA ASP C 223 -16.16 -20.15 15.25
C ASP C 223 -15.16 -19.02 15.51
N ALA C 224 -14.25 -18.80 14.57
CA ALA C 224 -13.28 -17.71 14.68
C ALA C 224 -13.63 -16.69 13.59
N ASP C 225 -14.84 -16.80 13.06
CA ASP C 225 -15.33 -15.90 12.01
C ASP C 225 -15.63 -14.57 12.67
N ASN C 226 -14.90 -13.52 12.27
CA ASN C 226 -15.08 -12.19 12.86
C ASN C 226 -16.47 -11.58 12.73
N PHE C 227 -17.27 -12.09 11.78
CA PHE C 227 -18.62 -11.57 11.56
C PHE C 227 -19.69 -12.44 12.24
N LEU C 228 -19.25 -13.55 12.83
CA LEU C 228 -20.16 -14.51 13.47
C LEU C 228 -21.30 -13.89 14.28
N ASP C 229 -20.94 -13.14 15.31
CA ASP C 229 -21.91 -12.53 16.20
C ASP C 229 -22.68 -11.33 15.66
N GLU C 230 -22.00 -10.45 14.91
CA GLU C 230 -22.64 -9.26 14.40
C GLU C 230 -23.41 -9.39 13.10
N GLN C 231 -23.05 -10.36 12.26
CA GLN C 231 -23.72 -10.50 10.98
C GLN C 231 -24.35 -11.85 10.65
N LEU C 232 -23.70 -12.93 11.05
CA LEU C 232 -24.19 -14.28 10.73
C LEU C 232 -25.26 -14.85 11.65
N LYS C 233 -25.02 -14.87 12.96
CA LYS C 233 -26.00 -15.36 13.93
C LYS C 233 -26.65 -16.70 13.54
N PRO C 234 -25.83 -17.73 13.31
CA PRO C 234 -26.35 -19.05 12.92
C PRO C 234 -27.37 -19.65 13.89
N GLN C 235 -27.20 -19.39 15.18
CA GLN C 235 -28.12 -19.95 16.17
C GLN C 235 -29.57 -19.53 15.95
N ASN C 236 -29.78 -18.38 15.30
CA ASN C 236 -31.14 -17.90 15.04
C ASN C 236 -31.85 -18.89 14.10
N LEU C 237 -31.13 -19.40 13.11
CA LEU C 237 -31.73 -20.35 12.18
C LEU C 237 -31.91 -21.70 12.87
N VAL C 238 -30.92 -22.09 13.68
CA VAL C 238 -31.01 -23.36 14.40
C VAL C 238 -32.30 -23.38 15.22
N ALA C 239 -32.58 -22.27 15.90
CA ALA C 239 -33.79 -22.14 16.72
C ALA C 239 -35.07 -22.39 15.94
N VAL C 240 -35.17 -21.82 14.74
CA VAL C 240 -36.36 -22.00 13.91
C VAL C 240 -36.43 -23.43 13.39
N ALA C 241 -35.27 -24.01 13.07
CA ALA C 241 -35.22 -25.38 12.55
C ALA C 241 -35.76 -26.34 13.61
N LYS C 242 -35.40 -26.10 14.87
CA LYS C 242 -35.85 -26.95 15.96
C LYS C 242 -37.36 -26.88 16.14
N GLN C 243 -37.90 -25.66 16.12
CA GLN C 243 -39.34 -25.46 16.29
C GLN C 243 -40.13 -26.09 15.15
N LYS C 244 -39.48 -26.27 14.00
CA LYS C 244 -40.14 -26.82 12.82
C LYS C 244 -39.72 -28.25 12.45
N ASP C 245 -38.84 -28.86 13.25
CA ASP C 245 -38.35 -30.20 12.93
C ASP C 245 -37.75 -30.18 11.52
N TYR C 246 -37.14 -29.06 11.15
CA TYR C 246 -36.55 -28.92 9.82
C TYR C 246 -35.23 -29.68 9.69
N PRO C 247 -35.03 -30.40 8.59
CA PRO C 247 -33.80 -31.18 8.35
C PRO C 247 -32.57 -30.30 8.10
N LEU C 248 -32.22 -29.50 9.10
CA LEU C 248 -31.05 -28.63 9.00
C LEU C 248 -29.95 -29.14 9.90
N THR C 249 -28.75 -29.21 9.35
CA THR C 249 -27.57 -29.64 10.11
C THR C 249 -26.62 -28.45 10.06
N LEU C 250 -26.31 -27.90 11.21
CA LEU C 250 -25.40 -26.77 11.26
C LEU C 250 -24.21 -27.14 12.11
N GLU C 251 -23.02 -27.09 11.51
CA GLU C 251 -21.81 -27.45 12.22
C GLU C 251 -20.88 -26.28 12.43
N MET C 252 -20.46 -26.11 13.68
CA MET C 252 -19.51 -25.06 14.04
C MET C 252 -18.13 -25.72 13.91
N GLN C 253 -17.21 -25.03 13.23
CA GLN C 253 -15.88 -25.55 13.03
C GLN C 253 -14.86 -24.72 13.80
N THR C 254 -14.33 -25.32 14.86
CA THR C 254 -13.35 -24.72 15.74
C THR C 254 -12.10 -24.19 15.04
N GLY C 255 -11.79 -22.92 15.28
CA GLY C 255 -10.60 -22.30 14.71
C GLY C 255 -10.69 -21.69 13.33
N TYR C 256 -11.71 -22.05 12.55
CA TYR C 256 -11.84 -21.52 11.19
C TYR C 256 -12.44 -20.12 11.11
N ASP C 257 -12.05 -19.37 10.08
CA ASP C 257 -12.54 -18.02 9.88
C ASP C 257 -13.55 -17.90 8.74
N HIS C 258 -13.68 -16.69 8.22
CA HIS C 258 -14.63 -16.35 7.15
C HIS C 258 -14.11 -16.52 5.71
N SER C 259 -12.81 -16.78 5.58
CA SER C 259 -12.15 -16.91 4.26
C SER C 259 -12.37 -18.16 3.42
N TYR C 260 -11.83 -18.13 2.20
CA TYR C 260 -11.94 -19.28 1.31
C TYR C 260 -11.03 -20.41 1.79
N PHE C 261 -10.15 -20.12 2.74
CA PHE C 261 -9.28 -21.17 3.28
C PHE C 261 -10.23 -22.12 4.02
N PHE C 262 -11.20 -21.51 4.70
CA PHE C 262 -12.22 -22.24 5.43
C PHE C 262 -13.10 -23.02 4.47
N ILE C 263 -13.61 -22.31 3.46
CA ILE C 263 -14.48 -22.94 2.46
C ILE C 263 -13.81 -24.15 1.80
N SER C 264 -12.54 -23.99 1.43
CA SER C 264 -11.81 -25.07 0.77
C SER C 264 -11.66 -26.28 1.68
N SER C 265 -11.74 -26.05 2.98
CA SER C 265 -11.58 -27.12 3.96
C SER C 265 -12.76 -28.07 4.06
N PHE C 266 -13.96 -27.59 3.70
CA PHE C 266 -15.13 -28.46 3.79
C PHE C 266 -15.97 -28.50 2.53
N ILE C 267 -15.45 -27.97 1.43
CA ILE C 267 -16.20 -27.96 0.17
C ILE C 267 -16.48 -29.39 -0.29
N ASP C 268 -15.54 -30.30 -0.04
CA ASP C 268 -15.72 -31.70 -0.43
C ASP C 268 -16.87 -32.30 0.38
N GLN C 269 -16.94 -31.97 1.68
CA GLN C 269 -18.02 -32.47 2.51
C GLN C 269 -19.36 -32.02 1.94
N HIS C 270 -19.42 -30.79 1.46
CA HIS C 270 -20.64 -30.23 0.89
C HIS C 270 -20.98 -30.86 -0.46
N LEU C 271 -19.98 -31.11 -1.29
CA LEU C 271 -20.21 -31.74 -2.58
C LEU C 271 -20.78 -33.13 -2.34
N VAL C 272 -20.18 -33.85 -1.40
CA VAL C 272 -20.61 -35.20 -1.05
C VAL C 272 -22.05 -35.16 -0.50
N PHE C 273 -22.35 -34.09 0.23
CA PHE C 273 -23.69 -33.91 0.79
C PHE C 273 -24.73 -33.76 -0.32
N HIS C 274 -24.44 -32.90 -1.29
CA HIS C 274 -25.36 -32.67 -2.40
C HIS C 274 -25.47 -33.86 -3.36
N HIS C 275 -24.37 -34.60 -3.52
CA HIS C 275 -24.36 -35.76 -4.41
C HIS C 275 -25.47 -36.73 -4.07
N GLN C 276 -25.70 -36.96 -2.77
CA GLN C 276 -26.76 -37.87 -2.31
C GLN C 276 -28.08 -37.55 -2.99
N TYR C 277 -28.40 -36.26 -3.00
CA TYR C 277 -29.66 -35.77 -3.55
C TYR C 277 -29.63 -35.45 -5.03
N LEU C 278 -28.45 -35.18 -5.58
CA LEU C 278 -28.34 -34.89 -7.01
C LEU C 278 -28.38 -36.20 -7.79
N SER C 279 -27.92 -37.27 -7.14
CA SER C 279 -27.90 -38.60 -7.75
C SER C 279 -29.10 -39.44 -7.35
N LEU D 2 11.21 -11.45 13.03
CA LEU D 2 10.24 -12.39 12.39
C LEU D 2 8.83 -12.11 12.89
N GLU D 3 8.03 -11.43 12.09
CA GLU D 3 6.66 -11.11 12.48
C GLU D 3 5.60 -11.88 11.71
N ASN D 4 4.60 -12.35 12.46
CA ASN D 4 3.48 -13.10 11.89
C ASN D 4 2.42 -12.07 11.51
N ILE D 5 2.23 -11.83 10.22
CA ILE D 5 1.25 -10.85 9.76
C ILE D 5 -0.13 -11.41 9.42
N SER D 6 -0.23 -12.71 9.20
CA SER D 6 -1.52 -13.32 8.90
C SER D 6 -1.53 -14.74 9.41
N SER D 7 -2.72 -15.23 9.74
CA SER D 7 -2.86 -16.59 10.23
C SER D 7 -4.27 -17.08 10.01
N VAL D 8 -4.40 -18.26 9.42
CA VAL D 8 -5.72 -18.82 9.16
C VAL D 8 -5.66 -20.34 9.15
N LYS D 9 -6.69 -20.96 9.71
CA LYS D 9 -6.76 -22.40 9.79
C LYS D 9 -7.26 -22.98 8.47
N VAL D 10 -6.58 -24.02 7.99
CA VAL D 10 -6.97 -24.64 6.73
C VAL D 10 -6.69 -26.15 6.76
N SER D 11 -7.72 -26.93 6.45
CA SER D 11 -7.62 -28.40 6.44
C SER D 11 -6.96 -28.99 7.67
N GLY D 12 -7.36 -28.49 8.83
CA GLY D 12 -6.83 -28.98 10.09
C GLY D 12 -5.48 -28.39 10.49
N GLY D 13 -4.79 -27.77 9.54
CA GLY D 13 -3.50 -27.19 9.83
C GLY D 13 -3.54 -25.67 9.85
N TRP D 14 -2.37 -25.05 9.72
CA TRP D 14 -2.31 -23.59 9.74
C TRP D 14 -1.46 -22.94 8.66
N HIS D 15 -2.04 -21.91 8.03
CA HIS D 15 -1.37 -21.15 7.00
C HIS D 15 -1.04 -19.81 7.63
N LYS D 16 0.23 -19.46 7.66
CA LYS D 16 0.66 -18.20 8.25
C LYS D 16 1.69 -17.45 7.39
N GLN D 17 1.53 -16.14 7.31
CA GLN D 17 2.47 -15.32 6.56
C GLN D 17 3.36 -14.59 7.54
N TYR D 18 4.63 -14.40 7.17
CA TYR D 18 5.59 -13.71 8.01
C TYR D 18 6.45 -12.75 7.19
N THR D 19 7.03 -11.78 7.89
CA THR D 19 7.94 -10.82 7.29
C THR D 19 9.11 -10.76 8.24
N HIS D 20 10.29 -10.44 7.70
CA HIS D 20 11.50 -10.33 8.50
C HIS D 20 12.50 -9.52 7.70
N SER D 21 13.54 -9.05 8.37
CA SER D 21 14.58 -8.29 7.69
C SER D 21 15.55 -9.33 7.14
N ALA D 22 15.41 -9.64 5.85
CA ALA D 22 16.27 -10.63 5.22
C ALA D 22 17.68 -10.08 5.00
N VAL D 23 18.67 -10.81 5.50
CA VAL D 23 20.05 -10.41 5.38
C VAL D 23 20.53 -10.53 3.93
N SER D 24 20.35 -11.71 3.34
CA SER D 24 20.80 -11.95 1.98
C SER D 24 20.27 -10.93 0.97
N THR D 25 19.05 -10.45 1.15
CA THR D 25 18.46 -9.50 0.22
C THR D 25 18.42 -8.05 0.70
N HIS D 26 18.88 -7.80 1.92
CA HIS D 26 18.88 -6.45 2.48
C HIS D 26 17.55 -5.74 2.30
N CYS D 27 16.46 -6.41 2.66
CA CYS D 27 15.13 -5.82 2.55
C CYS D 27 14.17 -6.68 3.34
N THR D 28 12.97 -6.15 3.56
CA THR D 28 11.95 -6.90 4.27
C THR D 28 11.46 -7.94 3.25
N MET D 29 11.25 -9.17 3.71
CA MET D 29 10.78 -10.23 2.84
C MET D 29 9.59 -10.93 3.48
N ARG D 30 8.61 -11.31 2.66
CA ARG D 30 7.43 -11.99 3.17
C ARG D 30 7.40 -13.42 2.65
N PHE D 31 7.04 -14.36 3.50
CA PHE D 31 6.94 -15.74 3.10
C PHE D 31 5.75 -16.38 3.82
N ALA D 32 5.28 -17.50 3.29
CA ALA D 32 4.14 -18.19 3.88
C ALA D 32 4.55 -19.59 4.30
N VAL D 33 3.95 -20.06 5.39
CA VAL D 33 4.22 -21.38 5.90
C VAL D 33 2.91 -22.10 6.19
N PHE D 34 2.87 -23.39 5.85
CA PHE D 34 1.70 -24.21 6.14
C PHE D 34 2.17 -25.34 7.05
N LEU D 35 1.58 -25.45 8.22
CA LEU D 35 1.92 -26.51 9.15
C LEU D 35 0.75 -27.49 9.17
N PRO D 36 1.03 -28.77 8.89
CA PRO D 36 -0.02 -29.79 8.87
C PRO D 36 -0.51 -30.10 10.30
N PRO D 37 -1.71 -30.68 10.42
CA PRO D 37 -2.29 -31.01 11.72
C PRO D 37 -1.29 -31.74 12.61
N GLY D 38 -1.26 -31.39 13.88
CA GLY D 38 -0.38 -32.06 14.82
C GLY D 38 1.10 -31.70 14.81
N ALA D 39 1.55 -30.92 13.84
CA ALA D 39 2.95 -30.53 13.79
C ALA D 39 3.27 -29.81 15.11
N SER D 40 4.24 -30.34 15.87
CA SER D 40 4.61 -29.72 17.14
C SER D 40 6.10 -29.81 17.40
N GLU D 41 6.51 -29.33 18.56
CA GLU D 41 7.91 -29.34 18.95
C GLU D 41 8.36 -30.77 19.21
N SER D 42 7.43 -31.60 19.65
CA SER D 42 7.70 -33.00 19.94
C SER D 42 7.27 -33.91 18.79
N ASN D 43 6.82 -33.30 17.71
CA ASN D 43 6.37 -34.04 16.54
C ASN D 43 6.65 -33.19 15.30
N LYS D 44 7.93 -32.92 15.06
CA LYS D 44 8.34 -32.11 13.92
C LYS D 44 8.15 -32.86 12.60
N VAL D 45 7.72 -32.14 11.58
CA VAL D 45 7.47 -32.72 10.27
C VAL D 45 8.46 -32.26 9.20
N PRO D 46 8.58 -33.02 8.11
CA PRO D 46 9.50 -32.70 7.01
C PRO D 46 8.92 -31.51 6.24
N VAL D 47 9.75 -30.89 5.39
CA VAL D 47 9.31 -29.71 4.65
C VAL D 47 9.51 -29.74 3.14
N LEU D 48 8.54 -29.16 2.43
CA LEU D 48 8.57 -29.04 0.99
C LEU D 48 8.64 -27.55 0.68
N TYR D 49 9.72 -27.11 0.06
CA TYR D 49 9.83 -25.71 -0.29
C TYR D 49 9.21 -25.53 -1.67
N TRP D 50 8.42 -24.48 -1.83
CA TRP D 50 7.78 -24.21 -3.11
C TRP D 50 8.21 -22.85 -3.67
N LEU D 51 8.83 -22.88 -4.85
CA LEU D 51 9.30 -21.66 -5.50
C LEU D 51 8.32 -21.24 -6.60
N SER D 52 7.85 -20.01 -6.52
CA SER D 52 6.90 -19.51 -7.51
C SER D 52 7.55 -18.89 -8.73
N GLY D 53 6.77 -18.77 -9.79
CA GLY D 53 7.27 -18.21 -11.03
C GLY D 53 7.12 -16.71 -11.14
N LEU D 54 7.33 -16.22 -12.36
CA LEU D 54 7.25 -14.81 -12.67
C LEU D 54 6.00 -14.09 -12.16
N THR D 55 6.23 -12.95 -11.50
CA THR D 55 5.19 -12.08 -10.96
C THR D 55 4.48 -12.57 -9.70
N CYS D 56 4.78 -13.77 -9.23
CA CYS D 56 4.10 -14.27 -8.05
C CYS D 56 4.75 -13.86 -6.74
N THR D 57 4.05 -14.16 -5.65
CA THR D 57 4.50 -13.93 -4.29
C THR D 57 4.19 -15.28 -3.64
N ASP D 58 4.12 -15.30 -2.31
CA ASP D 58 3.82 -16.52 -1.57
C ASP D 58 2.34 -16.89 -1.67
N GLU D 59 1.50 -15.89 -1.92
CA GLU D 59 0.05 -16.08 -1.97
C GLU D 59 -0.57 -16.86 -3.13
N ASN D 60 -0.02 -16.71 -4.33
CA ASN D 60 -0.55 -17.42 -5.48
C ASN D 60 -0.73 -18.90 -5.21
N PHE D 61 0.34 -19.55 -4.77
CA PHE D 61 0.32 -20.97 -4.49
C PHE D 61 -0.58 -21.33 -3.31
N MET D 62 -0.41 -20.64 -2.19
CA MET D 62 -1.20 -20.92 -1.00
C MET D 62 -2.71 -20.80 -1.27
N GLN D 63 -3.09 -19.79 -2.03
CA GLN D 63 -4.49 -19.54 -2.32
C GLN D 63 -5.08 -20.33 -3.49
N LYS D 64 -4.26 -20.70 -4.46
CA LYS D 64 -4.78 -21.36 -5.65
C LYS D 64 -4.31 -22.77 -5.98
N ALA D 65 -3.35 -23.31 -5.24
CA ALA D 65 -2.85 -24.65 -5.54
C ALA D 65 -3.69 -25.76 -4.91
N GLY D 66 -4.32 -25.46 -3.77
CA GLY D 66 -5.14 -26.45 -3.09
C GLY D 66 -4.30 -27.62 -2.63
N ALA D 67 -3.14 -27.31 -2.05
CA ALA D 67 -2.19 -28.31 -1.58
C ALA D 67 -2.37 -28.74 -0.13
N PHE D 68 -3.19 -28.01 0.61
CA PHE D 68 -3.41 -28.28 2.03
C PHE D 68 -4.03 -29.62 2.40
N LYS D 69 -5.10 -30.01 1.71
CA LYS D 69 -5.75 -31.28 2.00
C LYS D 69 -4.80 -32.46 2.03
N LYS D 70 -4.03 -32.63 0.96
CA LYS D 70 -3.09 -33.74 0.85
C LYS D 70 -1.86 -33.54 1.73
N ALA D 71 -1.41 -32.29 1.87
CA ALA D 71 -0.24 -32.02 2.71
C ALA D 71 -0.57 -32.32 4.17
N ALA D 72 -1.77 -31.92 4.59
CA ALA D 72 -2.21 -32.15 5.97
C ALA D 72 -2.31 -33.64 6.21
N GLU D 73 -2.80 -34.36 5.21
CA GLU D 73 -2.96 -35.80 5.29
C GLU D 73 -1.61 -36.51 5.39
N LEU D 74 -0.65 -36.08 4.57
CA LEU D 74 0.67 -36.69 4.56
C LEU D 74 1.62 -36.17 5.64
N GLY D 75 1.19 -35.14 6.37
CA GLY D 75 2.03 -34.57 7.42
C GLY D 75 3.22 -33.81 6.88
N ILE D 76 3.01 -33.05 5.80
CA ILE D 76 4.10 -32.29 5.20
C ILE D 76 3.86 -30.79 5.34
N ALA D 77 4.88 -30.07 5.78
CA ALA D 77 4.76 -28.62 5.91
C ALA D 77 5.25 -28.00 4.61
N ILE D 78 4.74 -26.82 4.29
CA ILE D 78 5.14 -26.14 3.06
C ILE D 78 5.60 -24.72 3.36
N VAL D 79 6.72 -24.33 2.76
CA VAL D 79 7.28 -22.99 2.93
C VAL D 79 7.31 -22.36 1.54
N ALA D 80 6.65 -21.21 1.41
CA ALA D 80 6.58 -20.51 0.13
C ALA D 80 7.16 -19.11 0.20
N PRO D 81 8.43 -18.93 -0.21
CA PRO D 81 9.06 -17.62 -0.19
C PRO D 81 8.59 -16.72 -1.33
N ASP D 82 9.06 -15.49 -1.35
CA ASP D 82 8.68 -14.57 -2.42
C ASP D 82 9.54 -14.94 -3.64
N THR D 83 9.37 -14.21 -4.73
CA THR D 83 10.14 -14.50 -5.95
C THR D 83 11.28 -13.52 -6.18
N SER D 84 11.47 -12.58 -5.26
CA SER D 84 12.53 -11.60 -5.40
C SER D 84 12.51 -10.62 -4.22
N PRO D 85 13.51 -9.73 -4.15
CA PRO D 85 13.52 -8.75 -3.05
C PRO D 85 12.41 -7.76 -3.42
N ARG D 86 11.98 -6.91 -2.48
CA ARG D 86 10.89 -5.98 -2.77
C ARG D 86 11.06 -4.58 -2.17
N GLY D 87 10.41 -3.59 -2.77
CA GLY D 87 10.45 -2.22 -2.27
C GLY D 87 10.87 -1.14 -3.25
N ASP D 88 10.52 0.10 -2.94
CA ASP D 88 10.90 1.23 -3.80
C ASP D 88 12.41 1.42 -3.65
N ASN D 89 12.94 0.73 -2.65
CA ASN D 89 14.34 0.74 -2.29
C ASN D 89 15.14 -0.25 -3.15
N VAL D 90 14.42 -1.08 -3.88
CA VAL D 90 15.02 -2.11 -4.72
C VAL D 90 14.85 -1.84 -6.19
N PRO D 91 15.86 -2.19 -7.00
CA PRO D 91 15.78 -1.97 -8.45
C PRO D 91 14.56 -2.67 -9.02
N ASN D 92 13.97 -2.09 -10.06
CA ASN D 92 12.80 -2.69 -10.69
C ASN D 92 12.55 -2.02 -12.03
N GLU D 93 11.63 -2.57 -12.79
CA GLU D 93 11.25 -2.01 -14.09
C GLU D 93 9.92 -2.61 -14.50
N ASP D 94 9.26 -1.99 -15.47
CA ASP D 94 7.96 -2.45 -15.93
C ASP D 94 7.88 -3.89 -16.41
N SER D 95 8.94 -4.39 -17.04
CA SER D 95 8.95 -5.77 -17.54
C SER D 95 8.57 -6.78 -16.47
N TYR D 96 7.59 -7.62 -16.79
CA TYR D 96 7.12 -8.65 -15.86
C TYR D 96 8.13 -9.80 -15.76
N ASP D 97 9.03 -9.89 -16.73
CA ASP D 97 10.01 -10.97 -16.74
C ASP D 97 11.37 -10.60 -16.20
N PHE D 98 11.49 -9.44 -15.55
CA PHE D 98 12.77 -9.04 -14.99
C PHE D 98 12.63 -8.20 -13.73
N ALA D 99 13.67 -8.21 -12.90
CA ALA D 99 13.71 -7.46 -11.65
C ALA D 99 12.73 -8.02 -10.61
N GLN D 100 12.05 -7.13 -9.89
CA GLN D 100 11.11 -7.59 -8.86
C GLN D 100 10.05 -8.52 -9.42
N GLY D 101 9.83 -9.63 -8.72
CA GLY D 101 8.87 -10.62 -9.16
C GLY D 101 9.51 -11.57 -10.16
N ALA D 102 10.79 -11.33 -10.46
CA ALA D 102 11.53 -12.16 -11.42
C ALA D 102 13.01 -12.31 -11.03
N GLY D 103 13.26 -12.81 -9.82
CA GLY D 103 14.63 -12.97 -9.36
C GLY D 103 15.43 -14.13 -9.94
N PHE D 104 14.74 -15.09 -10.55
CA PHE D 104 15.37 -16.27 -11.13
C PHE D 104 16.27 -17.09 -10.20
N TYR D 105 16.07 -16.89 -8.92
CA TYR D 105 16.80 -17.62 -7.88
C TYR D 105 18.31 -17.69 -8.03
N VAL D 106 18.92 -16.57 -8.39
CA VAL D 106 20.37 -16.50 -8.51
C VAL D 106 20.85 -15.37 -7.61
N ASN D 107 22.16 -15.25 -7.46
CA ASN D 107 22.72 -14.16 -6.68
C ASN D 107 23.32 -13.28 -7.76
N ALA D 108 22.69 -12.15 -8.01
CA ALA D 108 23.15 -11.22 -9.02
C ALA D 108 24.51 -10.66 -8.65
N THR D 109 25.40 -10.59 -9.63
CA THR D 109 26.75 -10.05 -9.42
C THR D 109 26.86 -8.66 -10.06
N GLN D 110 25.96 -8.38 -11.00
CA GLN D 110 25.92 -7.11 -11.70
C GLN D 110 25.10 -6.06 -10.96
N ALA D 111 25.64 -4.85 -10.87
CA ALA D 111 24.94 -3.75 -10.22
C ALA D 111 23.87 -3.30 -11.19
N PRO D 112 22.78 -2.68 -10.69
CA PRO D 112 22.54 -2.44 -9.27
C PRO D 112 21.81 -3.59 -8.56
N TYR D 113 21.74 -4.74 -9.22
CA TYR D 113 21.02 -5.90 -8.67
C TYR D 113 21.77 -6.73 -7.64
N ASN D 114 23.09 -6.58 -7.59
CA ASN D 114 23.91 -7.35 -6.65
C ASN D 114 23.59 -7.12 -5.18
N THR D 115 22.96 -6.00 -4.86
CA THR D 115 22.65 -5.70 -3.47
C THR D 115 21.49 -6.49 -2.89
N HIS D 116 20.36 -6.50 -3.59
CA HIS D 116 19.16 -7.18 -3.11
C HIS D 116 18.81 -8.50 -3.78
N PHE D 117 19.16 -8.66 -5.05
CA PHE D 117 18.83 -9.87 -5.79
C PHE D 117 19.70 -11.08 -5.53
N ASN D 118 19.58 -11.61 -4.32
CA ASN D 118 20.32 -12.79 -3.90
C ASN D 118 19.31 -13.85 -3.45
N MET D 119 18.37 -14.14 -4.33
CA MET D 119 17.34 -15.13 -4.04
C MET D 119 17.90 -16.53 -3.85
N TYR D 120 19.07 -16.79 -4.43
CA TYR D 120 19.69 -18.09 -4.28
C TYR D 120 20.07 -18.27 -2.82
N ASP D 121 20.85 -17.32 -2.29
CA ASP D 121 21.26 -17.37 -0.89
C ASP D 121 20.06 -17.36 0.04
N TYR D 122 19.06 -16.56 -0.30
CA TYR D 122 17.86 -16.47 0.52
C TYR D 122 17.14 -17.82 0.63
N VAL D 123 16.82 -18.41 -0.51
CA VAL D 123 16.10 -19.69 -0.51
C VAL D 123 16.90 -20.89 -0.06
N VAL D 124 18.19 -20.92 -0.41
CA VAL D 124 19.03 -22.04 -0.06
C VAL D 124 19.62 -22.02 1.34
N ASN D 125 20.08 -20.85 1.79
CA ASN D 125 20.71 -20.77 3.10
C ASN D 125 19.98 -20.01 4.20
N GLU D 126 19.60 -18.76 3.94
CA GLU D 126 18.93 -17.96 4.96
C GLU D 126 17.57 -18.46 5.43
N LEU D 127 16.63 -18.62 4.52
CA LEU D 127 15.28 -19.04 4.89
C LEU D 127 15.23 -20.38 5.64
N PRO D 128 15.91 -21.42 5.10
CA PRO D 128 15.91 -22.73 5.75
C PRO D 128 16.43 -22.68 7.18
N ALA D 129 17.43 -21.85 7.40
CA ALA D 129 18.01 -21.71 8.74
C ALA D 129 16.98 -21.07 9.67
N LEU D 130 16.24 -20.12 9.12
CA LEU D 130 15.21 -19.40 9.87
C LEU D 130 14.04 -20.32 10.19
N ILE D 131 13.65 -21.14 9.21
CA ILE D 131 12.52 -22.07 9.36
C ILE D 131 12.79 -23.12 10.44
N GLU D 132 13.88 -23.85 10.29
CA GLU D 132 14.24 -24.90 11.24
C GLU D 132 14.41 -24.42 12.67
N GLN D 133 14.66 -23.13 12.84
CA GLN D 133 14.83 -22.58 14.17
C GLN D 133 13.53 -22.23 14.88
N HIS D 134 12.64 -21.54 14.17
CA HIS D 134 11.40 -21.08 14.75
C HIS D 134 10.15 -21.90 14.44
N PHE D 135 10.29 -22.95 13.65
CA PHE D 135 9.12 -23.77 13.31
C PHE D 135 9.29 -25.23 13.70
N PRO D 136 8.18 -25.91 14.02
CA PRO D 136 8.18 -27.32 14.41
C PRO D 136 8.41 -28.23 13.21
N VAL D 137 9.56 -28.08 12.56
CA VAL D 137 9.89 -28.89 11.39
C VAL D 137 11.31 -29.42 11.50
N THR D 138 11.58 -30.51 10.79
CA THR D 138 12.90 -31.13 10.79
C THR D 138 13.74 -30.50 9.66
N SER D 139 14.94 -31.05 9.46
CA SER D 139 15.84 -30.56 8.42
C SER D 139 15.73 -31.35 7.12
N THR D 140 14.83 -32.32 7.10
CA THR D 140 14.62 -33.13 5.91
C THR D 140 13.74 -32.30 5.01
N LYS D 141 14.18 -32.09 3.77
CA LYS D 141 13.42 -31.25 2.86
C LYS D 141 13.46 -31.69 1.41
N ALA D 142 12.42 -31.31 0.68
CA ALA D 142 12.29 -31.57 -0.74
C ALA D 142 11.99 -30.19 -1.32
N ILE D 143 12.04 -30.06 -2.64
CA ILE D 143 11.76 -28.75 -3.22
C ILE D 143 11.05 -28.86 -4.56
N SER D 144 10.12 -27.94 -4.80
CA SER D 144 9.37 -27.93 -6.05
C SER D 144 9.06 -26.48 -6.43
N GLY D 145 8.47 -26.29 -7.60
CA GLY D 145 8.17 -24.94 -8.05
C GLY D 145 7.45 -24.90 -9.38
N HIS D 146 7.18 -23.70 -9.86
CA HIS D 146 6.49 -23.49 -11.14
C HIS D 146 7.22 -22.50 -12.04
N SER D 147 7.42 -22.90 -13.29
CA SER D 147 8.07 -22.08 -14.32
C SER D 147 9.45 -21.57 -13.86
N MET D 148 9.56 -20.28 -13.59
CA MET D 148 10.83 -19.72 -13.09
C MET D 148 11.16 -20.43 -11.77
N GLY D 149 10.12 -20.85 -11.06
CA GLY D 149 10.29 -21.54 -9.80
C GLY D 149 10.60 -23.01 -10.04
N GLY D 150 10.20 -23.53 -11.20
CA GLY D 150 10.48 -24.91 -11.54
C GLY D 150 11.96 -24.98 -11.82
N HIS D 151 12.43 -24.00 -12.58
CA HIS D 151 13.84 -23.89 -12.91
C HIS D 151 14.62 -23.83 -11.60
N GLY D 152 14.16 -22.98 -10.68
CA GLY D 152 14.83 -22.84 -9.40
C GLY D 152 14.86 -24.07 -8.53
N ALA D 153 13.75 -24.81 -8.52
CA ALA D 153 13.66 -26.02 -7.70
C ALA D 153 14.65 -27.09 -8.16
N LEU D 154 14.68 -27.37 -9.46
CA LEU D 154 15.59 -28.38 -9.98
C LEU D 154 17.05 -27.92 -9.92
N MET D 155 17.29 -26.66 -10.24
CA MET D 155 18.62 -26.08 -10.20
C MET D 155 19.21 -26.14 -8.79
N ILE D 156 18.43 -25.76 -7.79
CA ILE D 156 18.90 -25.76 -6.41
C ILE D 156 19.19 -27.17 -5.88
N ALA D 157 18.34 -28.14 -6.25
CA ALA D 157 18.53 -29.51 -5.81
C ALA D 157 19.82 -30.09 -6.40
N LEU D 158 20.04 -29.87 -7.69
CA LEU D 158 21.24 -30.36 -8.36
C LEU D 158 22.48 -29.76 -7.72
N LYS D 159 22.40 -28.47 -7.37
CA LYS D 159 23.53 -27.78 -6.76
C LYS D 159 23.72 -28.12 -5.28
N ASN D 160 22.68 -28.65 -4.64
CA ASN D 160 22.75 -29.04 -3.23
C ASN D 160 22.08 -30.40 -3.07
N PRO D 161 22.56 -31.41 -3.83
CA PRO D 161 22.04 -32.78 -3.82
C PRO D 161 21.98 -33.50 -2.48
N GLN D 162 22.93 -33.22 -1.58
CA GLN D 162 22.93 -33.87 -0.29
C GLN D 162 21.96 -33.23 0.69
N ASP D 163 21.43 -32.07 0.32
CA ASP D 163 20.51 -31.36 1.20
C ASP D 163 19.03 -31.52 0.91
N TYR D 164 18.69 -32.07 -0.25
CA TYR D 164 17.29 -32.29 -0.61
C TYR D 164 17.08 -33.75 -0.97
N VAL D 165 16.05 -34.36 -0.41
CA VAL D 165 15.75 -35.78 -0.67
C VAL D 165 15.09 -36.00 -2.02
N SER D 166 14.50 -34.95 -2.58
CA SER D 166 13.82 -35.07 -3.86
C SER D 166 13.47 -33.69 -4.40
N ALA D 167 13.11 -33.64 -5.68
CA ALA D 167 12.74 -32.37 -6.31
C ALA D 167 11.78 -32.60 -7.46
N SER D 168 10.88 -31.65 -7.68
CA SER D 168 9.90 -31.74 -8.76
C SER D 168 9.61 -30.35 -9.28
N ALA D 169 8.86 -30.25 -10.38
CA ALA D 169 8.54 -28.95 -10.93
C ALA D 169 7.36 -28.97 -11.90
N PHE D 170 6.72 -27.81 -12.02
CA PHE D 170 5.59 -27.62 -12.92
C PHE D 170 6.01 -26.64 -14.01
N SER D 171 5.94 -27.07 -15.26
CA SER D 171 6.28 -26.22 -16.41
C SER D 171 7.61 -25.49 -16.17
N PRO D 172 8.66 -26.23 -15.81
CA PRO D 172 9.95 -25.57 -15.55
C PRO D 172 10.71 -25.03 -16.76
N ILE D 173 11.54 -24.03 -16.49
CA ILE D 173 12.43 -23.45 -17.48
C ILE D 173 13.68 -24.28 -17.22
N VAL D 174 13.75 -25.45 -17.86
CA VAL D 174 14.87 -26.36 -17.67
C VAL D 174 16.18 -25.98 -18.33
N ASN D 175 16.12 -25.05 -19.28
CA ASN D 175 17.30 -24.64 -20.03
C ASN D 175 17.34 -23.13 -20.23
N PRO D 176 17.35 -22.36 -19.12
CA PRO D 176 17.37 -20.89 -19.17
C PRO D 176 18.39 -20.27 -20.12
N ILE D 177 19.51 -20.95 -20.31
CA ILE D 177 20.56 -20.46 -21.19
C ILE D 177 20.07 -20.40 -22.63
N ASN D 178 19.08 -21.23 -22.95
CA ASN D 178 18.57 -21.26 -24.32
C ASN D 178 17.15 -20.72 -24.52
N CYS D 179 16.75 -19.72 -23.75
CA CYS D 179 15.44 -19.13 -23.92
C CYS D 179 15.47 -17.63 -23.58
N PRO D 180 14.54 -16.84 -24.15
CA PRO D 180 14.48 -15.40 -23.90
C PRO D 180 14.47 -15.02 -22.42
N TRP D 181 13.62 -15.66 -21.63
CA TRP D 181 13.55 -15.37 -20.20
C TRP D 181 14.89 -15.55 -19.49
N GLY D 182 15.56 -16.64 -19.81
CA GLY D 182 16.85 -16.92 -19.19
C GLY D 182 17.96 -15.98 -19.62
N VAL D 183 18.11 -15.81 -20.92
CA VAL D 183 19.14 -14.92 -21.46
C VAL D 183 19.00 -13.52 -20.86
N LYS D 184 17.78 -12.99 -20.88
CA LYS D 184 17.55 -11.65 -20.34
C LYS D 184 17.90 -11.57 -18.87
N ALA D 185 17.44 -12.55 -18.09
CA ALA D 185 17.71 -12.56 -16.65
C ALA D 185 19.20 -12.71 -16.34
N PHE D 186 19.83 -13.71 -16.96
CA PHE D 186 21.26 -13.98 -16.77
C PHE D 186 22.14 -12.81 -17.19
N THR D 187 21.85 -12.25 -18.35
CA THR D 187 22.61 -11.12 -18.87
C THR D 187 22.60 -9.95 -17.90
N GLY D 188 21.41 -9.58 -17.42
CA GLY D 188 21.29 -8.46 -16.51
C GLY D 188 21.85 -8.70 -15.11
N TYR D 189 21.56 -9.88 -14.56
CA TYR D 189 22.02 -10.24 -13.22
C TYR D 189 23.46 -10.73 -13.12
N LEU D 190 23.85 -11.57 -14.06
CA LEU D 190 25.17 -12.20 -14.04
C LEU D 190 26.27 -11.69 -14.96
N GLY D 191 25.91 -10.97 -16.02
CA GLY D 191 26.94 -10.48 -16.92
C GLY D 191 26.89 -11.19 -18.26
N ALA D 192 27.96 -11.06 -19.05
CA ALA D 192 28.02 -11.66 -20.37
C ALA D 192 28.72 -13.01 -20.46
N ASP D 193 29.44 -13.41 -19.42
CA ASP D 193 30.13 -14.70 -19.47
C ASP D 193 29.18 -15.85 -19.18
N LYS D 194 28.77 -16.51 -20.27
CA LYS D 194 27.83 -17.61 -20.19
C LYS D 194 28.28 -18.81 -19.34
N THR D 195 29.53 -18.80 -18.87
CA THR D 195 29.97 -19.91 -18.04
C THR D 195 29.38 -19.68 -16.65
N THR D 196 29.16 -18.41 -16.30
CA THR D 196 28.57 -18.11 -15.01
C THR D 196 27.10 -18.54 -15.07
N TRP D 197 26.51 -18.41 -16.26
CA TRP D 197 25.11 -18.78 -16.50
C TRP D 197 24.92 -20.28 -16.32
N ALA D 198 25.94 -21.04 -16.69
CA ALA D 198 25.90 -22.49 -16.61
C ALA D 198 25.75 -23.03 -15.19
N GLN D 199 26.16 -22.25 -14.18
CA GLN D 199 26.04 -22.67 -12.78
C GLN D 199 24.59 -22.59 -12.30
N TYR D 200 23.73 -22.03 -13.15
CA TYR D 200 22.31 -21.86 -12.83
C TYR D 200 21.38 -22.49 -13.86
N ASP D 201 21.94 -23.33 -14.73
CA ASP D 201 21.13 -23.98 -15.75
C ASP D 201 21.00 -25.46 -15.42
N SER D 202 19.75 -25.93 -15.31
CA SER D 202 19.48 -27.32 -14.97
C SER D 202 20.07 -28.33 -15.93
N CYS D 203 19.99 -28.05 -17.22
CA CYS D 203 20.55 -28.98 -18.20
C CYS D 203 22.06 -29.06 -18.07
N LYS D 204 22.70 -27.91 -17.94
CA LYS D 204 24.15 -27.86 -17.79
C LYS D 204 24.57 -28.55 -16.49
N LEU D 205 23.83 -28.30 -15.42
CA LEU D 205 24.15 -28.89 -14.12
C LEU D 205 23.93 -30.39 -14.06
N MET D 206 22.84 -30.88 -14.65
CA MET D 206 22.56 -32.31 -14.64
C MET D 206 23.65 -33.07 -15.38
N ALA D 207 24.12 -32.51 -16.48
CA ALA D 207 25.16 -33.17 -17.28
C ALA D 207 26.40 -33.41 -16.43
N LYS D 208 26.58 -32.62 -15.37
CA LYS D 208 27.74 -32.77 -14.51
C LYS D 208 27.47 -33.44 -13.17
N ALA D 209 26.29 -34.01 -12.99
CA ALA D 209 25.95 -34.66 -11.74
C ALA D 209 26.71 -35.97 -11.53
N GLU D 210 27.11 -36.21 -10.28
CA GLU D 210 27.81 -37.44 -9.92
C GLU D 210 26.79 -38.49 -9.50
N GLN D 211 27.00 -39.71 -9.98
CA GLN D 211 26.11 -40.84 -9.69
C GLN D 211 25.57 -40.86 -8.27
N SER D 212 26.47 -40.79 -7.29
CA SER D 212 26.08 -40.84 -5.89
C SER D 212 25.24 -39.67 -5.38
N ASN D 213 25.15 -38.58 -6.14
CA ASN D 213 24.35 -37.43 -5.71
C ASN D 213 23.03 -37.34 -6.45
N TYR D 214 22.77 -38.32 -7.31
CA TYR D 214 21.52 -38.36 -8.05
C TYR D 214 20.35 -38.36 -7.09
N LEU D 215 19.31 -37.60 -7.40
CA LEU D 215 18.12 -37.58 -6.55
C LEU D 215 16.92 -37.64 -7.47
N PRO D 216 15.83 -38.26 -7.00
CA PRO D 216 14.59 -38.41 -7.79
C PRO D 216 13.95 -37.08 -8.20
N MET D 217 13.51 -37.01 -9.45
CA MET D 217 12.87 -35.81 -9.98
C MET D 217 11.60 -36.09 -10.76
N LEU D 218 10.60 -35.23 -10.57
CA LEU D 218 9.32 -35.34 -11.25
C LEU D 218 8.95 -34.00 -11.86
N VAL D 219 8.61 -34.00 -13.15
CA VAL D 219 8.23 -32.79 -13.85
C VAL D 219 6.90 -33.00 -14.54
N SER D 220 5.97 -32.09 -14.31
CA SER D 220 4.65 -32.14 -14.93
C SER D 220 4.59 -30.93 -15.87
N GLN D 221 4.17 -31.16 -17.11
CA GLN D 221 4.10 -30.10 -18.11
C GLN D 221 2.83 -30.19 -18.98
N GLY D 222 2.04 -29.13 -19.01
CA GLY D 222 0.84 -29.14 -19.84
C GLY D 222 1.22 -28.93 -21.30
N ASP D 223 0.69 -29.76 -22.20
CA ASP D 223 1.03 -29.63 -23.61
C ASP D 223 0.30 -28.47 -24.29
N ALA D 224 -0.61 -27.83 -23.57
CA ALA D 224 -1.35 -26.69 -24.08
C ALA D 224 -0.77 -25.43 -23.43
N ASP D 225 0.47 -25.54 -22.98
CA ASP D 225 1.18 -24.42 -22.34
C ASP D 225 1.71 -23.52 -23.45
N ASN D 226 1.31 -22.26 -23.44
CA ASN D 226 1.74 -21.34 -24.48
C ASN D 226 3.20 -20.91 -24.43
N PHE D 227 3.92 -21.33 -23.38
CA PHE D 227 5.34 -21.00 -23.26
C PHE D 227 6.22 -22.23 -23.53
N LEU D 228 5.57 -23.37 -23.73
CA LEU D 228 6.25 -24.65 -23.95
C LEU D 228 7.49 -24.66 -24.84
N ASP D 229 7.34 -24.25 -26.10
CA ASP D 229 8.45 -24.25 -27.05
C ASP D 229 9.46 -23.10 -26.92
N GLU D 230 8.98 -21.90 -26.64
CA GLU D 230 9.87 -20.76 -26.54
C GLU D 230 10.64 -20.63 -25.23
N GLN D 231 10.02 -21.00 -24.11
CA GLN D 231 10.69 -20.83 -22.82
C GLN D 231 11.01 -22.08 -22.00
N LEU D 232 10.10 -23.04 -21.95
CA LEU D 232 10.27 -24.24 -21.14
C LEU D 232 11.19 -25.34 -21.69
N LYS D 233 10.91 -25.82 -22.90
CA LYS D 233 11.74 -26.85 -23.54
C LYS D 233 12.07 -28.07 -22.67
N PRO D 234 11.05 -28.71 -22.09
CA PRO D 234 11.28 -29.88 -21.23
C PRO D 234 12.18 -30.97 -21.82
N GLN D 235 11.99 -31.28 -23.10
CA GLN D 235 12.82 -32.31 -23.73
C GLN D 235 14.32 -32.08 -23.60
N ASN D 236 14.73 -30.83 -23.46
CA ASN D 236 16.16 -30.52 -23.31
C ASN D 236 16.71 -31.18 -22.05
N LEU D 237 15.89 -31.24 -20.99
CA LEU D 237 16.33 -31.85 -19.75
C LEU D 237 16.22 -33.36 -19.85
N VAL D 238 15.19 -33.83 -20.53
CA VAL D 238 14.98 -35.27 -20.73
C VAL D 238 16.19 -35.84 -21.47
N ALA D 239 16.69 -35.10 -22.43
CA ALA D 239 17.86 -35.52 -23.21
C ALA D 239 19.06 -35.74 -22.31
N VAL D 240 19.37 -34.76 -21.47
CA VAL D 240 20.50 -34.87 -20.56
C VAL D 240 20.31 -36.02 -19.58
N ALA D 241 19.08 -36.17 -19.08
CA ALA D 241 18.77 -37.24 -18.14
C ALA D 241 19.03 -38.60 -18.77
N LYS D 242 18.66 -38.74 -20.04
CA LYS D 242 18.84 -40.02 -20.72
C LYS D 242 20.32 -40.41 -20.82
N GLN D 243 21.18 -39.44 -21.12
CA GLN D 243 22.60 -39.72 -21.24
C GLN D 243 23.26 -40.00 -19.89
N LYS D 244 22.70 -39.45 -18.83
CA LYS D 244 23.26 -39.62 -17.49
C LYS D 244 22.58 -40.70 -16.65
N ASP D 245 21.49 -41.27 -17.16
CA ASP D 245 20.73 -42.27 -16.41
C ASP D 245 20.20 -41.60 -15.14
N TYR D 246 19.84 -40.31 -15.27
CA TYR D 246 19.33 -39.55 -14.13
C TYR D 246 17.87 -39.92 -13.86
N PRO D 247 17.52 -40.15 -12.59
CA PRO D 247 16.16 -40.51 -12.20
C PRO D 247 15.13 -39.39 -12.34
N LEU D 248 14.93 -38.93 -13.57
CA LEU D 248 13.97 -37.87 -13.86
C LEU D 248 12.80 -38.42 -14.68
N THR D 249 11.60 -38.08 -14.26
CA THR D 249 10.38 -38.49 -14.94
C THR D 249 9.64 -37.24 -15.39
N LEU D 250 9.49 -37.11 -16.70
CA LEU D 250 8.78 -35.96 -17.27
C LEU D 250 7.43 -36.46 -17.71
N GLU D 251 6.38 -35.78 -17.29
CA GLU D 251 5.03 -36.18 -17.68
C GLU D 251 4.29 -35.05 -18.37
N MET D 252 3.92 -35.28 -19.62
CA MET D 252 3.18 -34.30 -20.40
C MET D 252 1.70 -34.54 -20.10
N GLN D 253 0.98 -33.49 -19.74
CA GLN D 253 -0.43 -33.61 -19.43
C GLN D 253 -1.25 -32.95 -20.54
N THR D 254 -1.98 -33.78 -21.27
CA THR D 254 -2.80 -33.34 -22.40
C THR D 254 -3.86 -32.29 -22.09
N GLY D 255 -3.85 -31.20 -22.86
CA GLY D 255 -4.83 -30.15 -22.70
C GLY D 255 -4.61 -29.12 -21.60
N TYR D 256 -3.66 -29.36 -20.71
CA TYR D 256 -3.41 -28.43 -19.63
C TYR D 256 -2.53 -27.25 -20.02
N ASP D 257 -2.71 -26.12 -19.33
CA ASP D 257 -1.94 -24.93 -19.64
C ASP D 257 -0.87 -24.60 -18.59
N HIS D 258 -0.55 -23.32 -18.48
CA HIS D 258 0.49 -22.81 -17.57
C HIS D 258 -0.03 -22.28 -16.23
N SER D 259 -1.36 -22.27 -16.07
CA SER D 259 -2.00 -21.73 -14.87
C SER D 259 -2.02 -22.61 -13.62
N TYR D 260 -2.49 -22.03 -12.52
CA TYR D 260 -2.59 -22.78 -11.27
C TYR D 260 -3.75 -23.77 -11.35
N PHE D 261 -4.56 -23.68 -12.40
CA PHE D 261 -5.64 -24.63 -12.57
C PHE D 261 -4.92 -25.94 -12.90
N PHE D 262 -3.83 -25.83 -13.65
CA PHE D 262 -3.01 -26.97 -14.03
C PHE D 262 -2.25 -27.47 -12.81
N ILE D 263 -1.63 -26.55 -12.07
CA ILE D 263 -0.88 -26.93 -10.88
C ILE D 263 -1.75 -27.64 -9.86
N SER D 264 -2.92 -27.08 -9.56
CA SER D 264 -3.83 -27.70 -8.59
C SER D 264 -4.27 -29.10 -9.00
N SER D 265 -4.25 -29.37 -10.29
CA SER D 265 -4.69 -30.68 -10.79
C SER D 265 -3.68 -31.80 -10.56
N PHE D 266 -2.43 -31.45 -10.30
CA PHE D 266 -1.42 -32.49 -10.08
C PHE D 266 -0.54 -32.30 -8.86
N ILE D 267 -0.84 -31.28 -8.05
CA ILE D 267 -0.03 -31.05 -6.85
C ILE D 267 -0.10 -32.21 -5.87
N ASP D 268 -1.23 -32.90 -5.82
CA ASP D 268 -1.37 -34.05 -4.91
C ASP D 268 -0.38 -35.14 -5.33
N GLN D 269 -0.23 -35.35 -6.63
CA GLN D 269 0.70 -36.34 -7.14
C GLN D 269 2.11 -36.01 -6.67
N HIS D 270 2.45 -34.72 -6.68
CA HIS D 270 3.77 -34.29 -6.24
C HIS D 270 3.98 -34.42 -4.74
N LEU D 271 2.91 -34.18 -3.97
CA LEU D 271 3.02 -34.31 -2.53
C LEU D 271 3.30 -35.77 -2.20
N VAL D 272 2.57 -36.66 -2.88
CA VAL D 272 2.74 -38.10 -2.69
C VAL D 272 4.15 -38.50 -3.13
N PHE D 273 4.61 -37.94 -4.25
CA PHE D 273 5.95 -38.22 -4.77
C PHE D 273 6.99 -37.87 -3.73
N HIS D 274 6.93 -36.64 -3.22
CA HIS D 274 7.89 -36.18 -2.23
C HIS D 274 7.77 -36.90 -0.89
N HIS D 275 6.55 -37.25 -0.51
CA HIS D 275 6.32 -37.93 0.76
C HIS D 275 7.18 -39.18 0.85
N GLN D 276 7.30 -39.89 -0.27
CA GLN D 276 8.09 -41.11 -0.31
C GLN D 276 9.53 -40.89 0.14
N TYR D 277 10.13 -39.79 -0.30
CA TYR D 277 11.52 -39.49 0.04
C TYR D 277 11.66 -38.69 1.32
N LEU D 278 10.64 -37.91 1.64
CA LEU D 278 10.69 -37.12 2.86
C LEU D 278 10.58 -38.05 4.07
N SER D 279 9.85 -39.15 3.88
CA SER D 279 9.64 -40.12 4.96
C SER D 279 10.59 -41.31 4.93
CL CL E . -17.09 40.45 -0.57
CL CL F . 34.21 37.43 0.75
CL CL G . -30.76 -0.65 -11.13
CL CL H . 19.70 -4.88 -5.74
#